data_6DO3
#
_entry.id   6DO3
#
_cell.length_a   44.816
_cell.length_b   87.779
_cell.length_c   88.626
_cell.angle_alpha   90.000
_cell.angle_beta   104.490
_cell.angle_gamma   90.000
#
_symmetry.space_group_name_H-M   'P 1 21 1'
#
loop_
_entity.id
_entity.type
_entity.pdbx_description
1 polymer 'Kelch domain-containing protein 2'
2 polymer 'SelK C-end Degron'
3 water water
#
loop_
_entity_poly.entity_id
_entity_poly.type
_entity_poly.pdbx_seq_one_letter_code
_entity_poly.pdbx_strand_id
1 'polypeptide(L)'
;SMADGNEDLRADDLPGPAFESYESMELACPAERSGHVAVSDGRHMFVWGGYKSNQVRGLYDFYLPREELWIYNMETGRWK
KINTEGDVPPSMSGSCAVCVDRVLYLFGGHHSRGNTNKFYMLDSRSTDRVLQWERIDCQGIPPSSKDKLGVWVYKNKLIF
FGGYGYLPEDKVLGTFEFDETSFWNSSHPRGWNDHVHILDTETFTWSQPITTGKAPSPRAAHACATVGNRGFVFGGRYRD
ARMNDLHYLNLDTWEWNELIPQGICPVGRSWHSLTPVSSDHLFLFGGFTTDKQPLSDAWTYCISKNEWIQFNHPYTEKPR
LWHTACASDEGEVIVFGGCANNLLVHHRAAHSNEILIFSVQPK
;
A,B
2 'polypeptide(L)' PPPMAGG C,D
#
# COMPACT_ATOMS: atom_id res chain seq x y z
N ALA A 28 -15.79 -5.23 -22.27
CA ALA A 28 -15.40 -4.46 -21.10
C ALA A 28 -16.38 -4.67 -19.94
N CYS A 29 -15.92 -5.30 -18.88
CA CYS A 29 -16.79 -5.58 -17.74
C CYS A 29 -15.96 -5.82 -16.48
N PRO A 30 -16.33 -5.15 -15.38
CA PRO A 30 -15.58 -5.32 -14.14
C PRO A 30 -15.67 -6.74 -13.62
N ALA A 31 -14.59 -7.24 -13.02
CA ALA A 31 -14.61 -8.55 -12.37
C ALA A 31 -15.60 -8.55 -11.21
N GLU A 32 -16.03 -9.75 -10.83
CA GLU A 32 -16.99 -9.93 -9.74
C GLU A 32 -16.40 -9.53 -8.41
N ARG A 33 -17.27 -9.12 -7.47
CA ARG A 33 -16.79 -8.57 -6.19
C ARG A 33 -17.90 -8.26 -5.20
N SER A 34 -17.53 -8.28 -3.91
CA SER A 34 -18.35 -7.78 -2.82
C SER A 34 -17.54 -6.81 -1.97
N GLY A 35 -18.21 -5.99 -1.17
CA GLY A 35 -17.52 -4.99 -0.36
C GLY A 35 -16.80 -3.86 -1.11
N HIS A 36 -17.13 -3.68 -2.38
CA HIS A 36 -16.68 -2.53 -3.15
C HIS A 36 -17.50 -1.31 -2.77
N VAL A 37 -17.12 -0.14 -3.30
CA VAL A 37 -18.00 1.01 -3.20
C VAL A 37 -18.52 1.41 -4.59
N ALA A 38 -19.72 1.94 -4.62
CA ALA A 38 -20.30 2.53 -5.80
C ALA A 38 -20.91 3.86 -5.41
N VAL A 39 -20.61 4.89 -6.18
CA VAL A 39 -21.22 6.19 -5.98
C VAL A 39 -21.66 6.70 -7.34
N SER A 40 -22.50 7.73 -7.35
CA SER A 40 -23.15 8.15 -8.59
C SER A 40 -23.50 9.65 -8.60
N ASP A 41 -23.59 10.23 -9.80
CA ASP A 41 -24.09 11.59 -9.94
C ASP A 41 -25.48 11.58 -10.58
N GLY A 42 -26.06 10.39 -10.71
CA GLY A 42 -27.36 10.22 -11.34
C GLY A 42 -27.25 9.70 -12.76
N ARG A 43 -26.06 9.80 -13.32
CA ARG A 43 -25.82 9.42 -14.71
C ARG A 43 -24.70 8.38 -14.81
N HIS A 44 -23.60 8.66 -14.12
CA HIS A 44 -22.46 7.76 -14.14
C HIS A 44 -22.29 7.14 -12.77
N MET A 45 -22.06 5.83 -12.76
CA MET A 45 -21.80 5.12 -11.52
C MET A 45 -20.32 4.76 -11.43
N PHE A 46 -19.67 5.24 -10.38
CA PHE A 46 -18.26 4.93 -10.16
C PHE A 46 -18.12 3.77 -9.17
N VAL A 47 -17.32 2.78 -9.55
CA VAL A 47 -17.14 1.55 -8.78
C VAL A 47 -15.65 1.31 -8.51
N TRP A 48 -15.30 1.07 -7.24
CA TRP A 48 -13.91 0.86 -6.84
C TRP A 48 -13.82 -0.23 -5.76
N GLY A 49 -12.72 -0.99 -5.76
CA GLY A 49 -12.41 -1.91 -4.67
C GLY A 49 -13.22 -3.18 -4.54
N GLY A 50 -13.33 -3.65 -3.30
CA GLY A 50 -13.99 -4.91 -3.02
C GLY A 50 -13.02 -6.07 -3.05
N TYR A 51 -13.54 -7.27 -2.82
CA TYR A 51 -12.73 -8.48 -2.86
C TYR A 51 -13.54 -9.58 -3.54
N LYS A 52 -12.93 -10.72 -3.81
CA LYS A 52 -13.62 -11.86 -4.39
C LYS A 52 -12.93 -13.17 -3.96
N SER A 53 -13.57 -14.29 -4.25
CA SER A 53 -12.98 -15.59 -3.92
C SER A 53 -12.24 -16.15 -5.13
N PHE A 62 -7.00 -11.76 -3.52
CA PHE A 62 -8.31 -11.58 -2.89
C PHE A 62 -8.93 -10.22 -3.21
N TYR A 63 -8.21 -9.13 -2.95
CA TYR A 63 -8.74 -7.79 -3.22
C TYR A 63 -8.61 -7.43 -4.69
N LEU A 64 -9.54 -6.64 -5.19
CA LEU A 64 -9.47 -6.24 -6.58
C LEU A 64 -8.49 -5.10 -6.73
N PRO A 65 -7.89 -4.95 -7.93
CA PRO A 65 -6.83 -3.99 -8.19
C PRO A 65 -7.16 -2.56 -7.74
N ARG A 66 -6.30 -2.01 -6.88
CA ARG A 66 -6.51 -0.70 -6.25
C ARG A 66 -6.59 0.48 -7.23
N GLU A 67 -5.86 0.39 -8.35
CA GLU A 67 -5.71 1.52 -9.26
C GLU A 67 -6.84 1.63 -10.26
N GLU A 68 -7.64 0.57 -10.39
CA GLU A 68 -8.78 0.58 -11.29
C GLU A 68 -10.00 1.32 -10.73
N LEU A 69 -10.58 2.20 -11.54
CA LEU A 69 -11.87 2.80 -11.23
C LEU A 69 -12.84 2.47 -12.36
N TRP A 70 -13.89 1.75 -12.05
CA TRP A 70 -14.86 1.36 -13.09
C TRP A 70 -15.99 2.36 -13.15
N ILE A 71 -16.34 2.79 -14.35
CA ILE A 71 -17.45 3.72 -14.54
C ILE A 71 -18.53 3.08 -15.38
N TYR A 72 -19.76 3.07 -14.86
CA TYR A 72 -20.89 2.49 -15.55
C TYR A 72 -21.79 3.61 -15.98
N ASN A 73 -22.03 3.69 -17.28
CA ASN A 73 -22.96 4.65 -17.81
C ASN A 73 -24.38 4.12 -17.66
N MET A 74 -25.17 4.75 -16.79
CA MET A 74 -26.51 4.29 -16.47
C MET A 74 -27.46 4.44 -17.64
N GLU A 75 -27.14 5.33 -18.56
CA GLU A 75 -28.05 5.60 -19.68
C GLU A 75 -27.82 4.66 -20.85
N THR A 76 -26.56 4.33 -21.12
CA THR A 76 -26.22 3.46 -22.23
C THR A 76 -25.97 2.01 -21.81
N GLY A 77 -25.64 1.81 -20.54
CA GLY A 77 -25.39 0.46 -20.03
C GLY A 77 -23.97 -0.05 -20.27
N ARG A 78 -23.08 0.81 -20.75
CA ARG A 78 -21.69 0.41 -21.00
C ARG A 78 -20.76 0.79 -19.84
N TRP A 79 -19.73 -0.05 -19.66
CA TRP A 79 -18.67 0.19 -18.68
C TRP A 79 -17.42 0.75 -19.31
N LYS A 80 -16.69 1.55 -18.55
CA LYS A 80 -15.36 1.97 -18.95
C LYS A 80 -14.44 1.84 -17.75
N LYS A 81 -13.23 1.37 -17.99
CA LYS A 81 -12.22 1.32 -16.94
C LYS A 81 -11.21 2.44 -17.14
N ILE A 82 -10.82 3.09 -16.05
CA ILE A 82 -9.69 4.02 -16.10
C ILE A 82 -8.75 3.75 -14.95
N ASN A 83 -7.47 3.91 -15.20
CA ASN A 83 -6.47 3.71 -14.18
C ASN A 83 -6.16 5.03 -13.53
N THR A 84 -6.02 5.01 -12.22
CA THR A 84 -5.81 6.26 -11.49
C THR A 84 -4.37 6.35 -11.00
N GLU A 85 -4.00 7.54 -10.55
CA GLU A 85 -2.67 7.80 -10.02
C GLU A 85 -2.81 8.59 -8.74
N GLY A 86 -1.73 9.22 -8.31
CA GLY A 86 -1.73 10.02 -7.10
C GLY A 86 -1.62 9.10 -5.90
N ASP A 87 -2.16 9.52 -4.76
CA ASP A 87 -2.16 8.68 -3.56
C ASP A 87 -3.25 7.61 -3.65
N VAL A 88 -3.03 6.61 -4.49
CA VAL A 88 -4.00 5.54 -4.64
C VAL A 88 -4.14 4.80 -3.31
N PRO A 89 -5.38 4.68 -2.82
CA PRO A 89 -5.61 3.91 -1.59
C PRO A 89 -5.26 2.43 -1.77
N PRO A 90 -4.94 1.73 -0.68
CA PRO A 90 -4.74 0.28 -0.79
C PRO A 90 -6.02 -0.40 -1.24
N SER A 91 -5.93 -1.54 -1.93
CA SER A 91 -7.12 -2.31 -2.27
C SER A 91 -7.85 -2.63 -0.98
N MET A 92 -9.15 -2.36 -0.94
CA MET A 92 -9.92 -2.55 0.28
C MET A 92 -11.32 -3.05 0.00
N SER A 93 -11.86 -3.79 0.96
CA SER A 93 -13.29 -4.03 1.05
C SER A 93 -13.88 -3.17 2.18
N GLY A 94 -15.18 -2.92 2.13
CA GLY A 94 -15.86 -2.28 3.23
C GLY A 94 -15.56 -0.81 3.48
N SER A 95 -14.94 -0.12 2.51
CA SER A 95 -14.74 1.32 2.57
C SER A 95 -16.06 2.05 2.42
N CYS A 96 -16.07 3.29 2.86
CA CYS A 96 -17.26 4.11 2.83
C CYS A 96 -17.10 5.33 1.92
N ALA A 97 -17.86 5.39 0.82
CA ALA A 97 -17.65 6.43 -0.20
C ALA A 97 -18.90 7.26 -0.48
N VAL A 98 -18.70 8.48 -0.97
CA VAL A 98 -19.78 9.36 -1.41
C VAL A 98 -19.33 10.14 -2.62
N CYS A 99 -20.29 10.55 -3.44
CA CYS A 99 -20.01 11.44 -4.55
C CYS A 99 -20.72 12.78 -4.35
N VAL A 100 -19.95 13.85 -4.24
CA VAL A 100 -20.49 15.18 -4.00
C VAL A 100 -19.94 16.14 -5.06
N ASP A 101 -20.83 16.67 -5.92
CA ASP A 101 -20.42 17.52 -7.04
C ASP A 101 -19.28 16.91 -7.86
N ARG A 102 -19.45 15.65 -8.28
CA ARG A 102 -18.44 14.93 -9.06
C ARG A 102 -17.09 14.78 -8.34
N VAL A 103 -17.05 15.10 -7.05
CA VAL A 103 -15.87 14.76 -6.25
C VAL A 103 -16.15 13.53 -5.40
N LEU A 104 -15.30 12.53 -5.55
CA LEU A 104 -15.46 11.30 -4.81
C LEU A 104 -14.66 11.35 -3.52
N TYR A 105 -15.33 11.10 -2.39
CA TYR A 105 -14.65 11.00 -1.10
C TYR A 105 -14.76 9.57 -0.57
N LEU A 106 -13.65 9.05 -0.04
CA LEU A 106 -13.55 7.67 0.42
C LEU A 106 -12.94 7.62 1.82
N PHE A 107 -13.62 6.94 2.74
CA PHE A 107 -13.12 6.76 4.10
C PHE A 107 -13.14 5.30 4.56
N GLY A 108 -12.09 4.89 5.27
CA GLY A 108 -12.05 3.62 5.96
C GLY A 108 -11.91 2.43 5.03
N GLY A 109 -12.23 1.25 5.54
CA GLY A 109 -12.11 0.03 4.76
C GLY A 109 -11.16 -0.98 5.38
N HIS A 110 -11.03 -2.12 4.70
CA HIS A 110 -10.15 -3.19 5.16
C HIS A 110 -9.20 -3.62 4.04
N HIS A 111 -7.90 -3.41 4.24
CA HIS A 111 -6.90 -3.87 3.28
C HIS A 111 -6.21 -5.10 3.85
N SER A 112 -5.19 -5.59 3.16
CA SER A 112 -4.56 -6.86 3.50
C SER A 112 -3.94 -6.85 4.90
N ARG A 113 -3.64 -5.65 5.40
CA ARG A 113 -3.07 -5.52 6.73
C ARG A 113 -4.03 -4.88 7.74
N GLY A 114 -5.34 -4.99 7.51
CA GLY A 114 -6.31 -4.53 8.49
C GLY A 114 -7.11 -3.28 8.15
N ASN A 115 -7.84 -2.76 9.14
CA ASN A 115 -8.69 -1.59 8.96
C ASN A 115 -7.89 -0.28 8.91
N THR A 116 -8.50 0.75 8.34
CA THR A 116 -7.86 2.05 8.23
C THR A 116 -8.83 3.17 8.60
N ASN A 117 -8.28 4.34 8.92
CA ASN A 117 -9.10 5.52 9.09
C ASN A 117 -8.62 6.67 8.20
N LYS A 118 -7.98 6.31 7.10
CA LYS A 118 -7.52 7.29 6.11
C LYS A 118 -8.67 7.82 5.29
N PHE A 119 -8.49 9.06 4.83
CA PHE A 119 -9.51 9.74 4.06
C PHE A 119 -8.90 10.20 2.74
N TYR A 120 -9.55 9.80 1.64
CA TYR A 120 -9.09 10.15 0.29
C TYR A 120 -10.15 10.91 -0.48
N MET A 121 -9.71 11.69 -1.47
CA MET A 121 -10.64 12.22 -2.46
C MET A 121 -10.11 12.03 -3.88
N LEU A 122 -11.05 11.94 -4.81
CA LEU A 122 -10.75 11.75 -6.23
C LEU A 122 -11.67 12.67 -7.02
N ASP A 123 -11.09 13.70 -7.63
CA ASP A 123 -11.86 14.63 -8.44
C ASP A 123 -12.03 14.05 -9.85
N SER A 124 -13.27 13.79 -10.26
CA SER A 124 -13.54 13.17 -11.55
C SER A 124 -14.03 14.18 -12.59
N LEU A 131 -8.53 11.45 -12.17
CA LEU A 131 -7.47 10.50 -12.49
C LEU A 131 -6.40 10.48 -11.41
N GLN A 132 -6.46 11.43 -10.47
CA GLN A 132 -5.49 11.46 -9.37
C GLN A 132 -6.14 11.40 -7.99
N TRP A 133 -5.83 10.34 -7.25
CA TRP A 133 -6.24 10.24 -5.85
C TRP A 133 -5.42 11.20 -4.99
N GLU A 134 -6.06 11.80 -4.01
CA GLU A 134 -5.31 12.58 -3.04
C GLU A 134 -5.70 12.15 -1.63
N ARG A 135 -4.69 11.78 -0.83
CA ARG A 135 -4.94 11.46 0.56
C ARG A 135 -4.90 12.76 1.33
N ILE A 136 -5.97 13.03 2.06
CA ILE A 136 -6.10 14.28 2.77
C ILE A 136 -5.76 14.10 4.24
N ASP A 137 -4.72 14.78 4.68
CA ASP A 137 -4.31 14.73 6.09
C ASP A 137 -5.21 15.68 6.86
N CYS A 138 -6.26 15.13 7.46
CA CYS A 138 -7.30 15.96 8.05
C CYS A 138 -6.85 16.50 9.40
N GLN A 139 -7.44 17.60 9.83
CA GLN A 139 -7.22 18.08 11.19
C GLN A 139 -8.27 17.48 12.12
N GLY A 140 -7.99 17.49 13.41
CA GLY A 140 -8.90 16.96 14.40
C GLY A 140 -8.62 15.49 14.63
N ILE A 141 -9.37 14.90 15.54
CA ILE A 141 -9.24 13.48 15.85
C ILE A 141 -10.09 12.65 14.88
N PRO A 142 -9.43 11.83 14.04
CA PRO A 142 -10.17 11.01 13.07
C PRO A 142 -11.01 9.93 13.77
N PRO A 143 -11.95 9.32 13.04
CA PRO A 143 -12.62 8.20 13.70
C PRO A 143 -11.62 7.04 13.91
N SER A 144 -11.96 6.04 14.69
CA SER A 144 -11.12 4.86 14.79
C SER A 144 -11.08 4.12 13.45
N SER A 145 -10.05 3.31 13.23
CA SER A 145 -9.93 2.61 11.97
C SER A 145 -10.99 1.51 11.87
N LYS A 146 -11.73 1.51 10.76
CA LYS A 146 -12.92 0.68 10.68
C LYS A 146 -13.41 0.47 9.25
N ASP A 147 -14.35 -0.46 9.07
CA ASP A 147 -15.01 -0.65 7.78
C ASP A 147 -16.50 -0.92 8.00
N LYS A 148 -17.22 -1.20 6.91
CA LYS A 148 -18.65 -1.57 6.95
C LYS A 148 -19.49 -0.57 7.78
N LEU A 149 -19.36 0.72 7.48
CA LEU A 149 -20.11 1.76 8.17
C LEU A 149 -21.04 2.48 7.20
N GLY A 150 -21.52 3.65 7.57
CA GLY A 150 -22.29 4.45 6.65
C GLY A 150 -21.97 5.93 6.73
N VAL A 151 -22.47 6.70 5.77
CA VAL A 151 -22.23 8.13 5.71
C VAL A 151 -23.51 8.86 5.24
N TRP A 152 -23.76 10.01 5.85
CA TRP A 152 -24.76 10.96 5.37
C TRP A 152 -24.06 12.21 4.85
N VAL A 153 -24.59 12.78 3.79
CA VAL A 153 -24.08 14.04 3.25
C VAL A 153 -25.10 15.12 3.54
N TYR A 154 -24.65 16.15 4.25
CA TYR A 154 -25.51 17.30 4.55
C TYR A 154 -24.70 18.57 4.46
N LYS A 155 -25.02 19.39 3.46
CA LYS A 155 -24.29 20.62 3.13
C LYS A 155 -22.81 20.35 2.94
N ASN A 156 -21.98 20.97 3.79
CA ASN A 156 -20.53 20.84 3.73
C ASN A 156 -20.01 19.64 4.53
N LYS A 157 -20.92 18.97 5.22
CA LYS A 157 -20.54 17.92 6.16
C LYS A 157 -20.71 16.52 5.60
N LEU A 158 -19.71 15.68 5.85
CA LEU A 158 -19.82 14.24 5.68
C LEU A 158 -19.92 13.65 7.08
N ILE A 159 -21.01 12.92 7.32
CA ILE A 159 -21.32 12.45 8.66
C ILE A 159 -21.31 10.94 8.64
N PHE A 160 -20.33 10.36 9.33
CA PHE A 160 -20.12 8.93 9.34
C PHE A 160 -20.69 8.32 10.61
N PHE A 161 -21.23 7.11 10.49
CA PHE A 161 -21.83 6.42 11.63
C PHE A 161 -21.48 4.93 11.67
N GLY A 162 -21.09 4.47 12.86
CA GLY A 162 -20.92 3.07 13.16
C GLY A 162 -19.73 2.40 12.50
N GLY A 163 -19.79 1.07 12.38
CA GLY A 163 -18.75 0.33 11.70
C GLY A 163 -18.05 -0.69 12.59
N TYR A 164 -17.06 -1.37 12.02
CA TYR A 164 -16.36 -2.46 12.67
C TYR A 164 -14.87 -2.22 12.53
N GLY A 165 -14.15 -2.23 13.64
CA GLY A 165 -12.71 -2.08 13.59
C GLY A 165 -12.09 -2.15 14.96
N TYR A 166 -10.90 -1.55 15.10
CA TYR A 166 -10.12 -1.61 16.31
C TYR A 166 -10.69 -0.76 17.43
N LEU A 167 -10.29 -1.10 18.64
CA LEU A 167 -10.55 -0.28 19.81
C LEU A 167 -10.02 1.13 19.56
N PRO A 168 -10.86 2.14 19.75
CA PRO A 168 -10.51 3.55 19.63
C PRO A 168 -9.62 4.04 20.78
N GLU A 169 -9.13 5.27 20.66
CA GLU A 169 -8.64 6.02 21.82
C GLU A 169 -9.88 6.63 22.51
N ASP A 170 -9.94 6.62 23.84
CA ASP A 170 -11.21 6.97 24.49
C ASP A 170 -11.53 8.45 24.34
N LYS A 171 -10.64 9.18 23.66
CA LYS A 171 -10.95 10.55 23.24
C LYS A 171 -12.28 10.58 22.49
N VAL A 172 -12.54 9.55 21.69
CA VAL A 172 -13.81 9.44 20.99
C VAL A 172 -14.96 9.20 21.96
N LEU A 173 -16.10 9.84 21.69
CA LEU A 173 -17.27 9.62 22.51
C LEU A 173 -18.33 8.81 21.75
N GLY A 174 -19.20 8.16 22.51
CA GLY A 174 -20.07 7.13 21.98
C GLY A 174 -19.65 5.82 22.62
N THR A 175 -20.11 4.69 22.09
CA THR A 175 -19.76 3.41 22.68
C THR A 175 -19.17 2.41 21.66
N PHE A 176 -18.28 1.58 22.17
CA PHE A 176 -17.62 0.55 21.39
C PHE A 176 -17.84 -0.76 22.13
N GLU A 177 -18.24 -1.80 21.40
CA GLU A 177 -18.33 -3.10 22.04
C GLU A 177 -17.62 -4.17 21.22
N PHE A 178 -16.70 -4.85 21.90
CA PHE A 178 -15.90 -5.92 21.32
C PHE A 178 -16.74 -7.06 20.74
N ASP A 179 -16.26 -7.59 19.63
CA ASP A 179 -16.76 -8.84 19.06
C ASP A 179 -15.88 -9.93 19.67
N GLU A 180 -16.42 -10.68 20.65
CA GLU A 180 -15.61 -11.62 21.44
C GLU A 180 -14.89 -12.66 20.56
N THR A 181 -15.47 -13.00 19.42
CA THR A 181 -14.82 -13.99 18.55
C THR A 181 -13.56 -13.47 17.85
N SER A 182 -13.36 -12.15 17.85
CA SER A 182 -12.19 -11.58 17.17
C SER A 182 -10.93 -11.72 18.00
N PHE A 183 -11.08 -12.11 19.25
CA PHE A 183 -9.93 -12.35 20.11
C PHE A 183 -9.24 -13.63 19.73
N TRP A 184 -9.98 -14.52 19.08
CA TRP A 184 -9.47 -15.80 18.66
C TRP A 184 -8.95 -15.77 17.21
N ASN A 185 -9.13 -14.65 16.51
CA ASN A 185 -8.42 -14.42 15.24
C ASN A 185 -7.76 -13.03 15.18
N HIS A 188 -5.38 -8.53 16.24
CA HIS A 188 -5.99 -7.49 17.08
C HIS A 188 -7.48 -7.69 17.16
N PRO A 189 -8.03 -7.53 18.38
CA PRO A 189 -9.48 -7.68 18.55
C PRO A 189 -10.21 -6.48 17.93
N ARG A 190 -11.41 -6.74 17.43
CA ARG A 190 -12.22 -5.69 16.83
C ARG A 190 -13.62 -5.70 17.40
N GLY A 191 -14.40 -4.69 17.08
CA GLY A 191 -15.73 -4.55 17.63
C GLY A 191 -16.56 -3.49 16.93
N TRP A 192 -17.82 -3.39 17.32
CA TRP A 192 -18.76 -2.44 16.72
C TRP A 192 -18.74 -1.12 17.47
N ASN A 193 -19.04 -0.05 16.76
CA ASN A 193 -19.24 1.25 17.40
C ASN A 193 -20.56 1.91 16.96
N ASP A 194 -21.01 2.87 17.76
CA ASP A 194 -22.14 3.72 17.40
C ASP A 194 -21.69 5.18 17.24
N HIS A 195 -20.41 5.38 16.93
CA HIS A 195 -19.88 6.74 16.83
C HIS A 195 -20.46 7.54 15.68
N VAL A 196 -20.65 8.83 15.92
CA VAL A 196 -20.95 9.78 14.85
C VAL A 196 -19.79 10.73 14.71
N HIS A 197 -19.24 10.83 13.51
CA HIS A 197 -18.17 11.78 13.24
C HIS A 197 -18.54 12.68 12.07
N ILE A 198 -18.14 13.93 12.16
CA ILE A 198 -18.30 14.86 11.05
C ILE A 198 -16.95 15.14 10.42
N LEU A 199 -16.87 15.01 9.11
CA LEU A 199 -15.78 15.63 8.42
C LEU A 199 -16.29 16.88 7.71
N ASP A 200 -15.80 18.03 8.14
CA ASP A 200 -16.17 19.30 7.54
C ASP A 200 -15.34 19.53 6.29
N THR A 201 -15.97 19.50 5.13
CA THR A 201 -15.24 19.66 3.89
C THR A 201 -14.80 21.10 3.63
N GLU A 202 -15.26 22.05 4.44
CA GLU A 202 -14.78 23.44 4.36
C GLU A 202 -13.36 23.62 4.88
N THR A 203 -12.99 22.77 5.84
CA THR A 203 -11.68 22.86 6.49
C THR A 203 -10.97 21.50 6.59
N PHE A 204 -11.63 20.44 6.12
CA PHE A 204 -11.20 19.05 6.32
C PHE A 204 -10.77 18.79 7.77
N THR A 205 -11.67 19.14 8.68
CA THR A 205 -11.47 18.92 10.10
C THR A 205 -12.53 17.95 10.60
N TRP A 206 -12.06 16.97 11.36
CA TRP A 206 -12.91 16.01 12.05
C TRP A 206 -13.49 16.59 13.31
N SER A 207 -14.73 16.23 13.62
CA SER A 207 -15.31 16.53 14.92
C SER A 207 -16.43 15.55 15.23
N GLN A 208 -16.94 15.60 16.45
CA GLN A 208 -18.12 14.82 16.82
C GLN A 208 -19.21 15.71 17.39
N PRO A 209 -20.44 15.53 16.90
CA PRO A 209 -21.54 16.34 17.45
C PRO A 209 -22.00 15.79 18.79
N ILE A 210 -22.42 16.66 19.70
CA ILE A 210 -23.17 16.21 20.86
C ILE A 210 -24.57 15.89 20.37
N THR A 211 -25.02 14.66 20.58
CA THR A 211 -26.36 14.30 20.13
C THR A 211 -27.27 14.08 21.33
N THR A 212 -28.58 14.16 21.08
CA THR A 212 -29.58 13.80 22.07
C THR A 212 -30.48 12.68 21.54
N GLY A 213 -31.30 12.12 22.41
CA GLY A 213 -32.13 10.99 22.06
C GLY A 213 -31.31 9.73 22.19
N LYS A 214 -31.92 8.58 21.94
CA LYS A 214 -31.22 7.31 22.03
C LYS A 214 -30.63 6.92 20.69
N ALA A 215 -29.30 6.85 20.63
CA ALA A 215 -28.65 6.41 19.41
C ALA A 215 -28.97 4.94 19.20
N PRO A 216 -28.92 4.47 17.93
CA PRO A 216 -28.96 3.03 17.72
C PRO A 216 -27.79 2.37 18.43
N SER A 217 -27.90 1.11 18.77
CA SER A 217 -26.78 0.33 19.29
C SER A 217 -25.59 0.42 18.32
N PRO A 218 -24.38 0.13 18.80
CA PRO A 218 -23.27 -0.05 17.86
C PRO A 218 -23.66 -1.06 16.78
N ARG A 219 -23.07 -0.96 15.59
CA ARG A 219 -23.45 -1.86 14.51
C ARG A 219 -22.52 -1.68 13.35
N ALA A 220 -22.47 -2.68 12.48
CA ALA A 220 -21.75 -2.59 11.22
C ALA A 220 -22.58 -3.27 10.15
N ALA A 221 -22.25 -3.00 8.89
CA ALA A 221 -22.99 -3.52 7.75
C ALA A 221 -24.47 -3.10 7.78
N HIS A 222 -24.74 -2.01 8.49
CA HIS A 222 -26.01 -1.29 8.40
C HIS A 222 -26.04 -0.52 7.09
N ALA A 223 -27.19 0.06 6.78
CA ALA A 223 -27.30 0.96 5.63
C ALA A 223 -27.83 2.33 6.06
N CYS A 224 -27.18 3.37 5.53
CA CYS A 224 -27.54 4.74 5.78
C CYS A 224 -28.07 5.37 4.50
N ALA A 225 -29.03 6.27 4.64
CA ALA A 225 -29.53 7.03 3.51
C ALA A 225 -29.94 8.44 3.97
N THR A 226 -29.74 9.44 3.12
CA THR A 226 -30.03 10.81 3.51
C THR A 226 -31.18 11.38 2.71
N VAL A 227 -32.12 12.01 3.40
CA VAL A 227 -33.17 12.80 2.77
C VAL A 227 -33.35 14.09 3.57
N GLY A 228 -33.22 15.23 2.91
CA GLY A 228 -33.23 16.50 3.60
C GLY A 228 -32.20 16.49 4.71
N ASN A 229 -32.64 16.87 5.91
CA ASN A 229 -31.77 16.88 7.08
C ASN A 229 -31.95 15.64 7.96
N ARG A 230 -32.42 14.55 7.38
CA ARG A 230 -32.60 13.32 8.16
C ARG A 230 -31.68 12.23 7.65
N GLY A 231 -30.85 11.71 8.54
CA GLY A 231 -29.93 10.65 8.23
C GLY A 231 -30.49 9.35 8.75
N PHE A 232 -31.11 8.59 7.85
CA PHE A 232 -31.70 7.31 8.19
C PHE A 232 -30.67 6.21 8.33
N VAL A 233 -30.92 5.30 9.25
CA VAL A 233 -30.10 4.09 9.33
C VAL A 233 -30.99 2.88 9.63
N PHE A 234 -30.79 1.83 8.83
CA PHE A 234 -31.60 0.65 8.98
C PHE A 234 -30.76 -0.62 9.17
N GLY A 235 -31.19 -1.45 10.12
CA GLY A 235 -30.58 -2.75 10.33
C GLY A 235 -29.10 -2.79 10.67
N GLY A 236 -28.44 -3.87 10.24
CA GLY A 236 -27.02 -4.03 10.52
C GLY A 236 -26.78 -5.15 11.53
N ARG A 237 -25.50 -5.45 11.74
CA ARG A 237 -25.11 -6.53 12.62
C ARG A 237 -24.60 -5.99 13.95
N TYR A 238 -25.09 -6.56 15.05
CA TYR A 238 -24.59 -6.21 16.37
C TYR A 238 -24.66 -7.46 17.23
N ARG A 239 -23.57 -7.80 17.90
CA ARG A 239 -23.52 -9.06 18.66
C ARG A 239 -24.02 -10.23 17.81
N ASP A 240 -25.10 -10.88 18.27
CA ASP A 240 -25.62 -12.09 17.65
C ASP A 240 -26.84 -11.86 16.79
N ALA A 241 -27.10 -10.61 16.44
CA ALA A 241 -28.29 -10.33 15.65
C ALA A 241 -27.99 -9.52 14.39
N ARG A 242 -28.75 -9.80 13.34
CA ARG A 242 -28.82 -8.88 12.22
C ARG A 242 -30.21 -8.26 12.34
N MET A 243 -30.23 -6.95 12.53
CA MET A 243 -31.38 -6.24 13.10
C MET A 243 -32.33 -5.62 12.09
N ASN A 244 -33.50 -5.23 12.56
CA ASN A 244 -34.52 -4.68 11.67
C ASN A 244 -35.04 -3.33 12.15
N ASP A 245 -34.28 -2.67 13.01
CA ASP A 245 -34.70 -1.39 13.56
C ASP A 245 -34.35 -0.27 12.61
N LEU A 246 -35.10 0.81 12.71
CA LEU A 246 -34.95 1.93 11.82
C LEU A 246 -34.87 3.21 12.64
N HIS A 247 -33.83 3.99 12.44
CA HIS A 247 -33.72 5.28 13.12
C HIS A 247 -33.40 6.39 12.12
N TYR A 248 -33.47 7.63 12.57
CA TYR A 248 -32.83 8.71 11.83
C TYR A 248 -32.24 9.73 12.79
N LEU A 249 -31.13 10.31 12.37
CA LEU A 249 -30.48 11.37 13.09
C LEU A 249 -30.84 12.68 12.41
N ASN A 250 -31.43 13.61 13.17
CA ASN A 250 -31.70 14.92 12.61
C ASN A 250 -30.38 15.65 12.44
N LEU A 251 -30.06 16.03 11.20
CA LEU A 251 -28.74 16.57 10.93
C LEU A 251 -28.65 18.08 11.17
N ASP A 252 -29.76 18.68 11.63
CA ASP A 252 -29.76 20.06 12.08
C ASP A 252 -29.63 20.12 13.58
N THR A 253 -30.47 19.35 14.28
CA THR A 253 -30.58 19.44 15.73
C THR A 253 -29.73 18.41 16.44
N TRP A 254 -29.18 17.46 15.67
CA TRP A 254 -28.44 16.32 16.20
C TRP A 254 -29.26 15.51 17.21
N GLU A 255 -30.54 15.32 16.91
CA GLU A 255 -31.42 14.50 17.72
C GLU A 255 -31.72 13.17 17.00
N TRP A 256 -31.41 12.07 17.69
CA TRP A 256 -31.76 10.72 17.26
C TRP A 256 -33.25 10.42 17.48
N ASN A 257 -33.89 9.82 16.48
CA ASN A 257 -35.27 9.33 16.57
C ASN A 257 -35.41 7.86 16.14
N GLU A 258 -36.14 7.06 16.91
CA GLU A 258 -36.43 5.70 16.44
C GLU A 258 -37.77 5.70 15.71
N LEU A 259 -37.81 5.09 14.54
CA LEU A 259 -39.05 4.98 13.78
C LEU A 259 -39.67 3.61 14.02
N ILE A 260 -40.96 3.59 14.30
CA ILE A 260 -41.66 2.32 14.52
C ILE A 260 -42.78 2.20 13.51
N PRO A 261 -42.45 1.69 12.32
CA PRO A 261 -43.50 1.65 11.30
C PRO A 261 -44.62 0.69 11.70
N GLN A 262 -45.82 1.01 11.27
CA GLN A 262 -46.96 0.18 11.62
C GLN A 262 -47.09 -0.91 10.57
N GLY A 263 -47.36 -2.13 11.03
CA GLY A 263 -47.61 -3.23 10.11
C GLY A 263 -46.37 -4.05 9.85
N ILE A 264 -46.35 -4.73 8.71
CA ILE A 264 -45.26 -5.64 8.41
C ILE A 264 -43.98 -4.88 8.05
N CYS A 265 -42.87 -5.33 8.64
CA CYS A 265 -41.55 -4.77 8.39
C CYS A 265 -40.61 -5.82 7.80
N PRO A 266 -39.62 -5.40 7.01
CA PRO A 266 -38.63 -6.35 6.46
C PRO A 266 -37.94 -7.13 7.59
N VAL A 267 -37.56 -8.36 7.30
CA VAL A 267 -36.78 -9.14 8.25
C VAL A 267 -35.44 -8.45 8.56
N GLY A 268 -34.98 -8.54 9.81
CA GLY A 268 -33.66 -8.05 10.16
C GLY A 268 -32.56 -8.56 9.23
N ARG A 269 -31.55 -7.72 9.03
CA ARG A 269 -30.50 -8.01 8.06
C ARG A 269 -29.30 -7.08 8.18
N SER A 270 -28.20 -7.51 7.59
CA SER A 270 -27.03 -6.70 7.35
C SER A 270 -26.64 -6.88 5.88
N TRP A 271 -25.70 -6.08 5.42
CA TRP A 271 -25.12 -6.18 4.08
C TRP A 271 -26.17 -5.92 3.00
N HIS A 272 -27.23 -5.22 3.39
CA HIS A 272 -28.29 -4.74 2.51
C HIS A 272 -28.00 -3.33 1.98
N SER A 273 -28.77 -2.89 0.98
CA SER A 273 -28.67 -1.51 0.50
C SER A 273 -29.94 -0.71 0.77
N LEU A 274 -29.78 0.57 1.04
CA LEU A 274 -30.91 1.48 1.29
C LEU A 274 -30.68 2.79 0.54
N THR A 275 -31.57 3.12 -0.38
CA THR A 275 -31.29 4.14 -1.38
C THR A 275 -32.44 5.11 -1.54
N PRO A 276 -32.18 6.42 -1.32
CA PRO A 276 -33.23 7.42 -1.58
C PRO A 276 -33.64 7.38 -3.05
N VAL A 277 -34.94 7.33 -3.32
CA VAL A 277 -35.41 7.35 -4.70
C VAL A 277 -36.38 8.49 -4.96
N SER A 278 -36.65 9.27 -3.91
CA SER A 278 -37.50 10.46 -4.00
C SER A 278 -37.34 11.21 -2.69
N SER A 279 -38.05 12.33 -2.52
CA SER A 279 -37.94 13.03 -1.24
C SER A 279 -38.76 12.34 -0.17
N ASP A 280 -39.45 11.26 -0.53
CA ASP A 280 -40.31 10.58 0.43
C ASP A 280 -40.15 9.02 0.45
N HIS A 281 -39.22 8.47 -0.33
CA HIS A 281 -39.08 7.00 -0.41
C HIS A 281 -37.65 6.47 -0.34
N LEU A 282 -37.43 5.46 0.48
CA LEU A 282 -36.15 4.77 0.58
C LEU A 282 -36.28 3.37 0.04
N PHE A 283 -35.42 2.98 -0.90
CA PHE A 283 -35.50 1.67 -1.51
C PHE A 283 -34.51 0.73 -0.84
N LEU A 284 -35.04 -0.38 -0.34
CA LEU A 284 -34.26 -1.39 0.36
C LEU A 284 -34.15 -2.65 -0.51
N PHE A 285 -32.94 -3.18 -0.66
CA PHE A 285 -32.77 -4.47 -1.35
C PHE A 285 -31.76 -5.39 -0.69
N GLY A 286 -32.11 -6.67 -0.59
CA GLY A 286 -31.16 -7.73 -0.30
C GLY A 286 -30.62 -7.77 1.11
N GLY A 287 -29.45 -8.37 1.25
CA GLY A 287 -28.85 -8.52 2.56
C GLY A 287 -28.77 -9.96 3.04
N PHE A 288 -28.64 -10.11 4.34
CA PHE A 288 -28.21 -11.34 4.97
C PHE A 288 -28.87 -11.40 6.34
N THR A 289 -29.67 -12.43 6.59
CA THR A 289 -30.39 -12.55 7.87
C THR A 289 -29.51 -13.07 9.00
N THR A 290 -29.99 -12.90 10.22
CA THR A 290 -29.40 -13.49 11.42
C THR A 290 -29.12 -14.99 11.23
N ASP A 291 -30.04 -15.68 10.57
CA ASP A 291 -29.92 -17.11 10.36
C ASP A 291 -29.26 -17.42 9.03
N LYS A 292 -28.49 -16.46 8.54
CA LYS A 292 -27.60 -16.63 7.40
C LYS A 292 -28.34 -16.86 6.08
N GLN A 293 -29.58 -16.41 5.96
CA GLN A 293 -30.25 -16.51 4.66
C GLN A 293 -29.88 -15.27 3.79
N PRO A 294 -29.36 -15.50 2.57
CA PRO A 294 -29.22 -14.45 1.56
C PRO A 294 -30.60 -13.96 1.09
N LEU A 295 -30.74 -12.67 0.82
CA LEU A 295 -32.05 -12.05 0.58
C LEU A 295 -32.21 -11.42 -0.78
N SER A 296 -33.42 -11.54 -1.32
CA SER A 296 -33.76 -11.02 -2.63
C SER A 296 -35.04 -10.21 -2.58
N ASP A 297 -35.55 -9.95 -1.40
CA ASP A 297 -36.74 -9.10 -1.31
C ASP A 297 -36.37 -7.62 -1.45
N ALA A 298 -37.33 -6.86 -1.96
CA ALA A 298 -37.14 -5.43 -2.19
C ALA A 298 -38.34 -4.69 -1.60
N TRP A 299 -38.06 -3.59 -0.90
CA TRP A 299 -39.08 -2.79 -0.26
C TRP A 299 -38.81 -1.29 -0.49
N THR A 300 -39.86 -0.47 -0.35
CA THR A 300 -39.65 0.95 -0.16
C THR A 300 -40.20 1.33 1.20
N TYR A 301 -39.46 2.19 1.89
CA TYR A 301 -39.97 2.83 3.10
C TYR A 301 -40.52 4.18 2.71
N CYS A 302 -41.83 4.33 2.84
CA CYS A 302 -42.47 5.62 2.62
C CYS A 302 -42.32 6.45 3.88
N ILE A 303 -41.57 7.54 3.77
CA ILE A 303 -41.27 8.39 4.92
C ILE A 303 -42.52 9.07 5.49
N SER A 304 -43.32 9.67 4.60
CA SER A 304 -44.51 10.40 5.03
C SER A 304 -45.53 9.48 5.72
N LYS A 305 -45.75 8.28 5.19
CA LYS A 305 -46.69 7.31 5.78
C LYS A 305 -46.07 6.46 6.90
N ASN A 306 -44.74 6.52 7.05
CA ASN A 306 -43.99 5.71 8.01
C ASN A 306 -44.42 4.24 7.85
N GLU A 307 -44.25 3.76 6.64
CA GLU A 307 -44.78 2.46 6.27
C GLU A 307 -43.85 1.76 5.29
N TRP A 308 -43.60 0.48 5.50
CA TRP A 308 -42.87 -0.35 4.56
C TRP A 308 -43.79 -0.97 3.48
N ILE A 309 -43.35 -0.93 2.23
CA ILE A 309 -44.13 -1.45 1.12
C ILE A 309 -43.25 -2.39 0.31
N GLN A 310 -43.64 -3.66 0.24
CA GLN A 310 -42.79 -4.64 -0.41
C GLN A 310 -42.95 -4.52 -1.92
N PHE A 311 -41.82 -4.52 -2.60
CA PHE A 311 -41.75 -4.14 -4.01
C PHE A 311 -41.56 -5.41 -4.86
N ASN A 312 -42.46 -5.63 -5.82
CA ASN A 312 -42.35 -6.80 -6.70
C ASN A 312 -41.34 -6.54 -7.81
N HIS A 313 -40.59 -7.57 -8.18
CA HIS A 313 -39.47 -7.40 -9.10
C HIS A 313 -39.06 -8.74 -9.69
N PRO A 314 -38.39 -8.71 -10.85
CA PRO A 314 -38.03 -9.97 -11.52
C PRO A 314 -36.80 -10.69 -10.96
N TYR A 315 -36.18 -10.16 -9.91
CA TYR A 315 -34.92 -10.74 -9.43
C TYR A 315 -35.03 -11.56 -8.16
N THR A 316 -36.14 -12.25 -7.98
CA THR A 316 -36.36 -13.01 -6.75
C THR A 316 -35.36 -14.15 -6.58
N GLU A 317 -34.87 -14.67 -7.70
CA GLU A 317 -33.91 -15.75 -7.65
C GLU A 317 -32.48 -15.23 -7.64
N LYS A 318 -32.32 -13.91 -7.57
CA LYS A 318 -31.00 -13.29 -7.51
C LYS A 318 -30.76 -12.55 -6.20
N PRO A 319 -30.69 -13.29 -5.08
CA PRO A 319 -30.43 -12.63 -3.81
C PRO A 319 -29.02 -12.04 -3.81
N ARG A 320 -28.85 -10.92 -3.14
CA ARG A 320 -27.56 -10.26 -3.06
C ARG A 320 -27.22 -9.72 -1.68
N LEU A 321 -25.97 -9.83 -1.32
CA LEU A 321 -25.48 -9.21 -0.13
C LEU A 321 -24.12 -8.57 -0.32
N TRP A 322 -23.88 -7.47 0.38
CA TRP A 322 -22.71 -6.65 0.23
C TRP A 322 -22.55 -6.19 -1.22
N HIS A 323 -23.67 -6.09 -1.91
CA HIS A 323 -23.76 -5.38 -3.15
C HIS A 323 -23.70 -3.84 -2.95
N THR A 324 -23.76 -3.12 -4.04
CA THR A 324 -24.04 -1.71 -4.01
C THR A 324 -25.34 -1.36 -4.76
N ALA A 325 -25.83 -0.17 -4.50
CA ALA A 325 -27.05 0.37 -5.11
C ALA A 325 -26.98 1.86 -5.37
N CYS A 326 -27.18 2.29 -6.58
CA CYS A 326 -27.21 3.71 -6.89
C CYS A 326 -28.48 4.12 -7.61
N ALA A 327 -29.07 5.23 -7.16
CA ALA A 327 -30.23 5.82 -7.83
C ALA A 327 -29.81 6.54 -9.11
N SER A 328 -30.52 6.28 -10.21
CA SER A 328 -30.31 7.02 -11.44
C SER A 328 -31.29 8.21 -11.50
N ASP A 329 -31.04 9.10 -12.44
CA ASP A 329 -31.92 10.25 -12.64
C ASP A 329 -33.27 9.82 -13.23
N GLU A 330 -33.33 8.67 -13.88
CA GLU A 330 -34.57 8.22 -14.50
C GLU A 330 -35.40 7.31 -13.59
N GLY A 331 -35.25 7.47 -12.27
CA GLY A 331 -36.04 6.71 -11.32
C GLY A 331 -35.68 5.24 -11.10
N GLU A 332 -34.52 4.82 -11.60
CA GLU A 332 -34.09 3.45 -11.41
C GLU A 332 -33.11 3.30 -10.24
N VAL A 333 -33.05 2.12 -9.67
CA VAL A 333 -31.97 1.78 -8.75
C VAL A 333 -31.05 0.77 -9.42
N ILE A 334 -29.77 1.12 -9.54
CA ILE A 334 -28.80 0.24 -10.17
C ILE A 334 -28.02 -0.55 -9.11
N VAL A 335 -28.27 -1.85 -9.04
CA VAL A 335 -27.54 -2.73 -8.11
C VAL A 335 -26.38 -3.42 -8.81
N PHE A 336 -25.21 -3.41 -8.18
CA PHE A 336 -24.06 -4.08 -8.75
C PHE A 336 -23.31 -4.91 -7.70
N GLY A 337 -22.77 -6.03 -8.15
CA GLY A 337 -21.84 -6.82 -7.36
C GLY A 337 -22.51 -7.53 -6.22
N GLY A 338 -21.74 -7.82 -5.18
CA GLY A 338 -22.29 -8.55 -4.04
C GLY A 338 -22.29 -10.05 -4.28
N CYS A 339 -22.79 -10.79 -3.28
CA CYS A 339 -22.63 -12.22 -3.25
C CYS A 339 -24.02 -12.87 -3.18
N ALA A 340 -24.21 -13.94 -3.96
CA ALA A 340 -25.49 -14.62 -4.08
C ALA A 340 -25.79 -15.58 -2.93
N ASN A 341 -24.75 -16.05 -2.25
CA ASN A 341 -24.98 -16.98 -1.13
C ASN A 341 -24.26 -16.53 0.14
N ASN A 342 -24.09 -17.44 1.09
CA ASN A 342 -23.38 -17.09 2.31
C ASN A 342 -21.89 -16.92 2.04
N LEU A 343 -21.43 -15.66 2.03
CA LEU A 343 -20.03 -15.36 1.72
C LEU A 343 -19.06 -15.78 2.83
N LEU A 344 -19.60 -16.15 3.99
CA LEU A 344 -18.74 -16.59 5.10
C LEU A 344 -18.14 -17.96 4.82
N VAL A 345 -18.73 -18.71 3.89
CA VAL A 345 -18.09 -19.93 3.43
C VAL A 345 -17.27 -19.58 2.19
N HIS A 346 -16.03 -19.17 2.41
CA HIS A 346 -15.27 -18.44 1.39
C HIS A 346 -15.02 -19.23 0.11
N HIS A 347 -14.80 -20.54 0.26
CA HIS A 347 -14.49 -21.39 -0.88
C HIS A 347 -15.73 -21.71 -1.71
N ARG A 348 -16.91 -21.37 -1.18
CA ARG A 348 -18.17 -21.61 -1.89
C ARG A 348 -18.86 -20.32 -2.30
N ALA A 349 -18.22 -19.18 -2.05
CA ALA A 349 -18.86 -17.89 -2.26
C ALA A 349 -19.13 -17.58 -3.73
N ALA A 350 -20.34 -17.16 -4.01
CA ALA A 350 -20.72 -16.80 -5.38
C ALA A 350 -20.76 -15.29 -5.54
N HIS A 351 -19.59 -14.68 -5.71
CA HIS A 351 -19.54 -13.24 -5.95
C HIS A 351 -20.02 -12.93 -7.38
N SER A 352 -20.69 -11.81 -7.57
CA SER A 352 -21.29 -11.49 -8.85
C SER A 352 -20.75 -10.21 -9.45
N ASN A 353 -20.86 -10.08 -10.78
CA ASN A 353 -20.58 -8.79 -11.42
C ASN A 353 -21.81 -8.37 -12.22
N GLU A 354 -22.96 -8.90 -11.83
CA GLU A 354 -24.21 -8.54 -12.48
C GLU A 354 -24.71 -7.17 -12.06
N ILE A 355 -25.22 -6.46 -13.06
CA ILE A 355 -26.04 -5.27 -12.87
C ILE A 355 -27.50 -5.70 -12.72
N LEU A 356 -28.15 -5.27 -11.64
CA LEU A 356 -29.59 -5.47 -11.50
C LEU A 356 -30.28 -4.12 -11.52
N ILE A 357 -31.27 -3.95 -12.39
CA ILE A 357 -31.95 -2.67 -12.52
C ILE A 357 -33.39 -2.75 -12.02
N PHE A 358 -33.69 -1.97 -10.99
CA PHE A 358 -35.03 -1.90 -10.41
C PHE A 358 -35.68 -0.63 -10.87
N SER A 359 -36.79 -0.74 -11.59
CA SER A 359 -37.50 0.46 -12.04
C SER A 359 -38.63 0.80 -11.07
N VAL A 360 -38.43 1.86 -10.29
CA VAL A 360 -39.34 2.20 -9.19
C VAL A 360 -39.78 3.66 -9.26
N PRO B 1 -12.76 -15.18 6.78
CA PRO B 1 -11.67 -14.24 6.47
C PRO B 1 -11.96 -12.82 7.00
N PRO B 2 -10.93 -12.13 7.51
CA PRO B 2 -11.00 -10.86 8.24
C PRO B 2 -11.88 -9.74 7.64
N PRO B 3 -11.92 -9.54 6.30
CA PRO B 3 -12.79 -8.45 5.80
C PRO B 3 -14.28 -8.61 6.09
N MET B 4 -14.75 -9.83 6.32
CA MET B 4 -16.20 -9.97 6.47
C MET B 4 -16.61 -10.20 7.92
N ALA B 5 -15.63 -10.27 8.81
CA ALA B 5 -15.89 -10.28 10.24
C ALA B 5 -16.72 -9.05 10.66
N GLY B 6 -17.66 -9.25 11.57
CA GLY B 6 -18.40 -8.13 12.12
C GLY B 6 -19.66 -7.75 11.36
N GLY B 7 -19.88 -8.37 10.21
CA GLY B 7 -21.12 -8.19 9.48
C GLY B 7 -22.10 -9.32 9.70
N CYS C 29 16.79 -5.38 18.46
CA CYS C 29 15.43 -4.85 18.54
C CYS C 29 14.66 -4.98 17.21
N PRO C 30 15.23 -4.52 16.08
CA PRO C 30 14.45 -4.73 14.87
C PRO C 30 14.46 -6.20 14.44
N ALA C 31 13.38 -6.64 13.79
CA ALA C 31 13.28 -8.01 13.34
C ALA C 31 14.28 -8.29 12.20
N GLU C 32 14.64 -9.56 12.05
CA GLU C 32 15.58 -9.99 11.03
C GLU C 32 15.05 -9.67 9.65
N ARG C 33 15.95 -9.47 8.68
CA ARG C 33 15.55 -9.03 7.35
C ARG C 33 16.71 -9.00 6.37
N SER C 34 16.37 -9.20 5.10
CA SER C 34 17.28 -9.02 3.98
C SER C 34 16.65 -8.05 3.01
N GLY C 35 17.46 -7.46 2.15
CA GLY C 35 16.98 -6.52 1.15
C GLY C 35 16.33 -5.27 1.70
N HIS C 36 16.62 -4.93 2.95
CA HIS C 36 16.25 -3.63 3.51
C HIS C 36 17.12 -2.51 2.95
N VAL C 37 16.88 -1.28 3.38
CA VAL C 37 17.86 -0.24 3.12
C VAL C 37 18.42 0.28 4.43
N ALA C 38 19.65 0.77 4.38
CA ALA C 38 20.24 1.44 5.52
C ALA C 38 21.00 2.61 4.98
N VAL C 39 20.82 3.76 5.60
CA VAL C 39 21.53 4.95 5.20
C VAL C 39 21.97 5.64 6.49
N SER C 40 22.97 6.49 6.41
CA SER C 40 23.60 7.00 7.63
C SER C 40 24.12 8.41 7.44
N ASP C 41 24.21 9.15 8.55
CA ASP C 41 24.86 10.45 8.51
C ASP C 41 26.21 10.40 9.22
N GLY C 42 26.69 9.19 9.50
CA GLY C 42 27.92 9.01 10.26
C GLY C 42 27.68 8.62 11.71
N ARG C 43 26.49 8.92 12.20
CA ARG C 43 26.18 8.76 13.63
C ARG C 43 24.95 7.89 13.86
N HIS C 44 23.89 8.16 13.12
CA HIS C 44 22.70 7.33 13.19
C HIS C 44 22.51 6.60 11.89
N MET C 45 22.12 5.34 11.99
CA MET C 45 21.83 4.54 10.81
C MET C 45 20.33 4.32 10.72
N PHE C 46 19.75 4.64 9.56
CA PHE C 46 18.32 4.55 9.34
C PHE C 46 18.00 3.33 8.51
N VAL C 47 17.13 2.48 9.05
CA VAL C 47 16.83 1.18 8.43
C VAL C 47 15.35 1.10 8.12
N TRP C 48 15.03 0.72 6.88
CA TRP C 48 13.65 0.58 6.46
C TRP C 48 13.48 -0.64 5.57
N GLY C 49 12.31 -1.27 5.62
CA GLY C 49 11.92 -2.25 4.63
C GLY C 49 12.59 -3.61 4.72
N GLY C 50 12.63 -4.31 3.59
CA GLY C 50 13.18 -5.65 3.54
C GLY C 50 12.12 -6.73 3.66
N TYR C 51 12.55 -7.99 3.61
CA TYR C 51 11.62 -9.08 3.75
C TYR C 51 12.21 -10.14 4.69
N LYS C 52 11.31 -11.01 5.15
CA LYS C 52 11.55 -12.06 6.14
C LYS C 52 11.20 -13.43 5.53
N SER C 53 11.56 -14.52 6.22
CA SER C 53 11.04 -15.83 5.85
C SER C 53 10.51 -16.53 7.08
N PHE C 62 5.57 -11.65 4.67
CA PHE C 62 6.86 -11.63 3.97
C PHE C 62 7.61 -10.30 4.18
N TYR C 63 7.03 -9.20 3.74
CA TYR C 63 7.68 -7.89 3.86
C TYR C 63 7.50 -7.28 5.25
N LEU C 64 8.54 -6.64 5.77
CA LEU C 64 8.46 -5.99 7.08
C LEU C 64 7.56 -4.74 7.05
N PRO C 65 7.02 -4.34 8.21
CA PRO C 65 6.03 -3.26 8.26
C PRO C 65 6.51 -1.97 7.62
N ARG C 66 5.76 -1.48 6.64
CA ARG C 66 6.17 -0.33 5.83
C ARG C 66 6.32 0.95 6.63
N GLU C 67 5.63 1.07 7.77
CA GLU C 67 5.57 2.35 8.47
C GLU C 67 6.68 2.49 9.51
N GLU C 68 7.36 1.39 9.81
CA GLU C 68 8.46 1.40 10.75
C GLU C 68 9.77 1.92 10.13
N LEU C 69 10.41 2.84 10.82
CA LEU C 69 11.75 3.28 10.50
C LEU C 69 12.61 3.01 11.72
N TRP C 70 13.68 2.24 11.56
CA TRP C 70 14.55 1.94 12.69
C TRP C 70 15.80 2.81 12.69
N ILE C 71 16.16 3.32 13.86
CA ILE C 71 17.31 4.18 13.97
C ILE C 71 18.31 3.53 14.90
N TYR C 72 19.49 3.26 14.36
CA TYR C 72 20.58 2.69 15.14
C TYR C 72 21.55 3.80 15.44
N ASN C 73 21.89 3.96 16.70
CA ASN C 73 22.87 4.95 17.10
C ASN C 73 24.22 4.29 17.17
N MET C 74 25.08 4.63 16.21
CA MET C 74 26.38 4.00 16.06
C MET C 74 27.29 4.23 17.27
N GLU C 75 27.01 5.27 18.04
CA GLU C 75 27.80 5.58 19.23
C GLU C 75 27.34 4.78 20.47
N THR C 76 26.04 4.82 20.76
CA THR C 76 25.52 4.08 21.90
C THR C 76 25.27 2.60 21.63
N GLY C 77 24.92 2.26 20.38
CA GLY C 77 24.62 0.90 20.03
C GLY C 77 23.18 0.52 20.32
N ARG C 78 22.37 1.52 20.60
CA ARG C 78 20.96 1.29 20.90
C ARG C 78 20.08 1.62 19.69
N TRP C 79 18.99 0.86 19.57
CA TRP C 79 18.01 1.02 18.52
C TRP C 79 16.82 1.83 18.99
N LYS C 80 16.28 2.63 18.09
CA LYS C 80 15.00 3.28 18.32
C LYS C 80 14.09 3.03 17.13
N LYS C 81 12.84 2.66 17.40
CA LYS C 81 11.84 2.55 16.36
C LYS C 81 10.90 3.75 16.37
N ILE C 82 10.59 4.29 15.20
CA ILE C 82 9.54 5.28 15.13
C ILE C 82 8.59 4.93 14.00
N ASN C 83 7.32 5.26 14.16
CA ASN C 83 6.35 5.06 13.10
C ASN C 83 6.24 6.33 12.29
N THR C 84 6.23 6.19 10.96
CA THR C 84 6.18 7.34 10.08
C THR C 84 4.79 7.47 9.47
N GLU C 85 4.54 8.61 8.85
CA GLU C 85 3.25 8.91 8.24
C GLU C 85 3.46 9.53 6.88
N GLY C 86 2.40 10.12 6.33
CA GLY C 86 2.49 10.76 5.03
C GLY C 86 2.36 9.71 3.93
N ASP C 87 3.07 9.93 2.82
CA ASP C 87 3.02 8.99 1.70
C ASP C 87 3.92 7.77 1.95
N VAL C 88 3.56 6.95 2.94
CA VAL C 88 4.38 5.79 3.27
C VAL C 88 4.48 4.86 2.07
N PRO C 89 5.70 4.53 1.67
CA PRO C 89 5.91 3.65 0.52
C PRO C 89 5.39 2.23 0.82
N PRO C 90 5.04 1.45 -0.20
CA PRO C 90 4.66 0.06 0.11
C PRO C 90 5.84 -0.67 0.75
N SER C 91 5.57 -1.69 1.55
CA SER C 91 6.63 -2.55 2.05
C SER C 91 7.42 -3.13 0.87
N MET C 92 8.75 -3.02 0.91
CA MET C 92 9.56 -3.41 -0.23
C MET C 92 10.92 -3.99 0.15
N SER C 93 11.39 -4.90 -0.69
CA SER C 93 12.77 -5.34 -0.68
C SER C 93 13.47 -4.73 -1.88
N GLY C 94 14.80 -4.67 -1.83
CA GLY C 94 15.59 -4.23 -2.95
C GLY C 94 15.45 -2.76 -3.38
N SER C 95 14.81 -1.94 -2.57
CA SER C 95 14.76 -0.50 -2.83
C SER C 95 16.15 0.13 -2.73
N CYS C 96 16.31 1.29 -3.37
CA CYS C 96 17.55 2.03 -3.38
C CYS C 96 17.41 3.34 -2.61
N ALA C 97 18.25 3.56 -1.59
CA ALA C 97 18.09 4.74 -0.72
C ALA C 97 19.39 5.48 -0.44
N VAL C 98 19.27 6.79 -0.20
CA VAL C 98 20.39 7.63 0.21
C VAL C 98 20.00 8.61 1.28
N CYS C 99 20.97 8.98 2.09
CA CYS C 99 20.80 10.03 3.07
C CYS C 99 21.70 11.20 2.70
N VAL C 100 21.07 12.31 2.31
CA VAL C 100 21.77 13.53 1.93
C VAL C 100 21.34 14.67 2.84
N ASP C 101 22.24 15.20 3.66
CA ASP C 101 21.90 16.28 4.59
C ASP C 101 20.72 15.90 5.49
N ARG C 102 20.74 14.67 6.01
CA ARG C 102 19.65 14.14 6.82
C ARG C 102 18.29 14.11 6.12
N VAL C 103 18.28 14.32 4.81
CA VAL C 103 17.10 14.05 4.01
C VAL C 103 17.25 12.67 3.38
N LEU C 104 16.28 11.81 3.63
CA LEU C 104 16.32 10.44 3.14
C LEU C 104 15.57 10.34 1.81
N TYR C 105 16.23 9.82 0.78
CA TYR C 105 15.61 9.61 -0.53
C TYR C 105 15.54 8.11 -0.84
N LEU C 106 14.42 7.66 -1.40
CA LEU C 106 14.20 6.23 -1.64
C LEU C 106 13.64 6.04 -3.05
N PHE C 107 14.28 5.20 -3.85
CA PHE C 107 13.80 4.88 -5.19
C PHE C 107 13.66 3.38 -5.39
N GLY C 108 12.62 3.00 -6.13
CA GLY C 108 12.49 1.64 -6.65
C GLY C 108 12.17 0.61 -5.60
N GLY C 109 12.38 -0.66 -5.93
CA GLY C 109 12.11 -1.72 -4.99
C GLY C 109 11.12 -2.75 -5.52
N HIS C 110 10.81 -3.73 -4.68
CA HIS C 110 9.86 -4.78 -5.04
C HIS C 110 8.84 -4.94 -3.91
N HIS C 111 7.56 -4.67 -4.21
CA HIS C 111 6.50 -4.89 -3.23
C HIS C 111 5.62 -6.08 -3.64
N SER C 112 4.52 -6.28 -2.92
CA SER C 112 3.67 -7.46 -3.12
C SER C 112 3.10 -7.58 -4.54
N ARG C 113 3.02 -6.48 -5.27
CA ARG C 113 2.57 -6.56 -6.67
C ARG C 113 3.66 -6.25 -7.70
N GLY C 114 4.93 -6.39 -7.32
CA GLY C 114 6.00 -6.22 -8.28
C GLY C 114 6.89 -4.99 -8.13
N ASN C 115 7.64 -4.69 -9.18
CA ASN C 115 8.61 -3.59 -9.15
C ASN C 115 7.95 -2.23 -9.28
N THR C 116 8.63 -1.21 -8.78
CA THR C 116 8.12 0.15 -8.88
C THR C 116 9.23 1.08 -9.37
N ASN C 117 8.85 2.25 -9.87
CA ASN C 117 9.81 3.29 -10.13
C ASN C 117 9.42 4.58 -9.38
N LYS C 118 8.70 4.42 -8.29
CA LYS C 118 8.31 5.59 -7.49
C LYS C 118 9.49 6.15 -6.70
N PHE C 119 9.40 7.43 -6.36
CA PHE C 119 10.45 8.14 -5.63
C PHE C 119 9.90 8.83 -4.38
N TYR C 120 10.53 8.56 -3.25
CA TYR C 120 10.07 9.10 -1.98
C TYR C 120 11.18 9.89 -1.30
N MET C 121 10.76 10.80 -0.44
CA MET C 121 11.65 11.61 0.36
C MET C 121 11.15 11.60 1.80
N LEU C 122 12.07 11.52 2.76
CA LEU C 122 11.69 11.64 4.16
C LEU C 122 12.67 12.57 4.90
N ASP C 123 12.21 13.75 5.29
CA ASP C 123 13.05 14.63 6.06
C ASP C 123 13.16 14.13 7.51
N SER C 124 14.36 13.74 7.92
CA SER C 124 14.59 13.33 9.30
C SER C 124 15.13 14.49 10.14
N LEU C 131 7.47 12.65 11.59
CA LEU C 131 8.25 12.26 10.42
C LEU C 131 7.35 11.80 9.30
N GLN C 132 7.41 12.51 8.17
CA GLN C 132 6.49 12.23 7.08
C GLN C 132 7.14 11.92 5.73
N TRP C 133 6.78 10.78 5.17
CA TRP C 133 7.16 10.44 3.81
C TRP C 133 6.45 11.34 2.82
N GLU C 134 7.14 11.72 1.77
CA GLU C 134 6.51 12.40 0.65
C GLU C 134 6.84 11.69 -0.66
N ARG C 135 5.83 11.22 -1.37
CA ARG C 135 6.08 10.69 -2.70
C ARG C 135 6.21 11.86 -3.66
N ILE C 136 7.29 11.87 -4.44
CA ILE C 136 7.56 13.01 -5.28
C ILE C 136 7.24 12.72 -6.72
N ASP C 137 6.25 13.46 -7.23
CA ASP C 137 5.89 13.50 -8.64
C ASP C 137 7.02 14.15 -9.43
N CYS C 138 8.01 13.38 -9.87
CA CYS C 138 9.14 13.98 -10.56
C CYS C 138 8.80 14.32 -12.00
N GLN C 139 9.52 15.30 -12.54
CA GLN C 139 9.40 15.64 -13.94
C GLN C 139 10.33 14.73 -14.75
N GLY C 140 10.15 14.71 -16.07
CA GLY C 140 10.98 13.90 -16.94
C GLY C 140 10.64 12.41 -16.96
N ILE C 141 11.43 11.66 -17.69
CA ILE C 141 11.17 10.23 -17.84
C ILE C 141 11.87 9.47 -16.71
N PRO C 142 11.10 8.86 -15.81
CA PRO C 142 11.72 8.10 -14.72
C PRO C 142 12.44 6.85 -15.21
N PRO C 143 13.25 6.21 -14.35
CA PRO C 143 13.78 4.91 -14.76
C PRO C 143 12.64 3.88 -14.88
N SER C 144 12.90 2.76 -15.51
CA SER C 144 11.95 1.65 -15.53
C SER C 144 11.80 1.14 -14.10
N SER C 145 10.72 0.40 -13.85
CA SER C 145 10.45 -0.13 -12.52
C SER C 145 11.44 -1.26 -12.21
N LYS C 146 12.13 -1.17 -11.09
CA LYS C 146 13.23 -2.07 -10.83
C LYS C 146 13.66 -2.10 -9.38
N ASP C 147 14.51 -3.07 -9.04
CA ASP C 147 15.07 -3.17 -7.69
C ASP C 147 16.53 -3.64 -7.81
N LYS C 148 17.19 -3.78 -6.66
CA LYS C 148 18.57 -4.28 -6.58
C LYS C 148 19.50 -3.53 -7.54
N LEU C 149 19.51 -2.20 -7.43
CA LEU C 149 20.39 -1.33 -8.20
C LEU C 149 21.33 -0.60 -7.26
N GLY C 150 21.84 0.53 -7.69
CA GLY C 150 22.76 1.27 -6.87
C GLY C 150 22.65 2.74 -7.19
N VAL C 151 23.18 3.58 -6.31
CA VAL C 151 23.07 5.01 -6.48
C VAL C 151 24.38 5.65 -6.05
N TRP C 152 24.75 6.70 -6.77
CA TRP C 152 25.83 7.58 -6.39
C TRP C 152 25.27 8.96 -6.09
N VAL C 153 25.91 9.67 -5.17
CA VAL C 153 25.46 11.02 -4.85
C VAL C 153 26.58 11.95 -5.24
N TYR C 154 26.24 12.98 -6.00
CA TYR C 154 27.24 13.97 -6.40
C TYR C 154 26.58 15.32 -6.59
N LYS C 155 26.88 16.23 -5.65
CA LYS C 155 26.29 17.56 -5.61
C LYS C 155 24.78 17.48 -5.46
N ASN C 156 24.08 18.11 -6.39
CA ASN C 156 22.62 18.14 -6.43
C ASN C 156 22.01 16.87 -7.06
N LYS C 157 22.86 15.97 -7.54
CA LYS C 157 22.44 14.80 -8.32
C LYS C 157 22.39 13.49 -7.53
N LEU C 158 21.31 12.74 -7.72
CA LEU C 158 21.26 11.33 -7.36
C LEU C 158 21.42 10.57 -8.65
N ILE C 159 22.47 9.75 -8.74
CA ILE C 159 22.74 9.01 -9.95
C ILE C 159 22.56 7.50 -9.73
N PHE C 160 21.54 6.95 -10.39
CA PHE C 160 21.16 5.54 -10.22
C PHE C 160 21.69 4.70 -11.37
N PHE C 161 22.14 3.49 -11.07
CA PHE C 161 22.68 2.62 -12.11
C PHE C 161 22.18 1.17 -12.03
N GLY C 162 21.73 0.63 -13.15
CA GLY C 162 21.45 -0.81 -13.24
C GLY C 162 20.19 -1.24 -12.52
N GLY C 163 20.12 -2.54 -12.22
CA GLY C 163 18.98 -3.11 -11.52
C GLY C 163 18.25 -4.19 -12.32
N TYR C 164 17.15 -4.67 -11.75
CA TYR C 164 16.36 -5.78 -12.28
C TYR C 164 14.88 -5.44 -12.19
N GLY C 165 14.17 -5.58 -13.32
CA GLY C 165 12.75 -5.29 -13.34
C GLY C 165 12.19 -5.45 -14.74
N TYR C 166 11.08 -4.79 -15.01
CA TYR C 166 10.37 -4.89 -16.28
C TYR C 166 11.12 -4.26 -17.44
N LEU C 167 10.78 -4.72 -18.64
CA LEU C 167 11.16 -4.03 -19.86
C LEU C 167 10.80 -2.54 -19.73
N PRO C 168 11.71 -1.65 -20.15
CA PRO C 168 11.43 -0.21 -20.14
C PRO C 168 10.17 0.15 -20.96
N GLU C 169 9.29 0.98 -20.39
CA GLU C 169 8.07 1.39 -21.08
C GLU C 169 8.28 2.68 -21.89
N ASP C 170 9.37 3.38 -21.59
CA ASP C 170 9.68 4.63 -22.28
C ASP C 170 10.98 4.56 -23.04
N LYS C 171 11.24 5.58 -23.85
CA LYS C 171 12.53 5.75 -24.49
C LYS C 171 13.57 5.85 -23.40
N VAL C 172 14.67 5.16 -23.56
CA VAL C 172 15.70 5.18 -22.54
C VAL C 172 17.03 4.89 -23.22
N LEU C 173 18.09 5.52 -22.73
CA LEU C 173 19.45 5.25 -23.19
C LEU C 173 20.02 4.12 -22.34
N GLY C 174 20.74 3.21 -23.00
CA GLY C 174 21.30 2.05 -22.33
C GLY C 174 20.75 0.79 -22.94
N THR C 175 21.05 -0.34 -22.33
CA THR C 175 20.55 -1.61 -22.84
C THR C 175 19.89 -2.41 -21.75
N PHE C 176 19.03 -3.32 -22.17
CA PHE C 176 18.25 -4.15 -21.29
C PHE C 176 18.36 -5.60 -21.78
N GLU C 177 18.52 -6.53 -20.84
CA GLU C 177 18.63 -7.93 -21.20
C GLU C 177 17.68 -8.78 -20.35
N PHE C 178 16.86 -9.59 -21.02
CA PHE C 178 15.89 -10.42 -20.33
C PHE C 178 16.54 -11.53 -19.52
N ASP C 179 15.93 -11.83 -18.38
CA ASP C 179 16.32 -12.97 -17.56
C ASP C 179 15.38 -14.13 -17.91
N GLU C 180 15.89 -15.12 -18.62
CA GLU C 180 15.05 -16.19 -19.16
C GLU C 180 14.32 -17.00 -18.07
N THR C 181 14.84 -17.01 -16.85
CA THR C 181 14.18 -17.76 -15.78
C THR C 181 12.90 -17.07 -15.33
N SER C 182 12.69 -15.84 -15.79
CA SER C 182 11.46 -15.10 -15.45
C SER C 182 10.34 -15.37 -16.47
N PHE C 183 10.68 -16.05 -17.56
CA PHE C 183 9.73 -16.29 -18.64
C PHE C 183 8.59 -17.21 -18.22
N TRP C 184 8.90 -18.22 -17.41
CA TRP C 184 7.92 -19.25 -17.11
C TRP C 184 7.43 -19.28 -15.66
N ASN C 185 7.93 -18.37 -14.83
CA ASN C 185 7.34 -18.22 -13.50
C ASN C 185 6.89 -16.79 -13.24
N SER C 186 6.18 -16.22 -14.21
CA SER C 186 5.72 -14.83 -14.11
C SER C 186 4.51 -14.56 -14.98
N HIS C 188 4.93 -11.49 -15.97
CA HIS C 188 5.74 -10.44 -16.60
C HIS C 188 7.23 -10.73 -16.54
N PRO C 189 7.86 -10.90 -17.71
CA PRO C 189 9.29 -11.20 -17.74
C PRO C 189 10.11 -10.00 -17.27
N ARG C 190 11.27 -10.27 -16.71
CA ARG C 190 12.08 -9.21 -16.17
C ARG C 190 13.51 -9.42 -16.61
N GLY C 191 14.35 -8.44 -16.33
CA GLY C 191 15.70 -8.49 -16.81
C GLY C 191 16.55 -7.41 -16.18
N TRP C 192 17.81 -7.38 -16.61
CA TRP C 192 18.83 -6.46 -16.11
C TRP C 192 19.02 -5.27 -17.04
N ASN C 193 19.44 -4.15 -16.50
CA ASN C 193 19.76 -2.99 -17.32
C ASN C 193 21.09 -2.41 -16.90
N ASP C 194 21.66 -1.57 -17.77
CA ASP C 194 22.90 -0.87 -17.49
C ASP C 194 22.63 0.65 -17.49
N HIS C 195 21.38 1.02 -17.21
CA HIS C 195 20.96 2.40 -17.31
C HIS C 195 21.60 3.30 -16.26
N VAL C 196 21.98 4.49 -16.66
CA VAL C 196 22.32 5.55 -15.73
C VAL C 196 21.23 6.61 -15.78
N HIS C 197 20.62 6.91 -14.64
CA HIS C 197 19.62 7.96 -14.54
C HIS C 197 20.00 8.96 -13.47
N ILE C 198 19.84 10.23 -13.80
CA ILE C 198 20.09 11.30 -12.85
C ILE C 198 18.77 11.84 -12.34
N LEU C 199 18.62 11.94 -11.03
CA LEU C 199 17.55 12.76 -10.47
C LEU C 199 18.15 14.04 -9.91
N ASP C 200 17.80 15.16 -10.52
CA ASP C 200 18.28 16.47 -10.09
C ASP C 200 17.44 16.99 -8.92
N THR C 201 18.03 17.04 -7.74
CA THR C 201 17.25 17.46 -6.57
C THR C 201 16.98 18.96 -6.53
N GLU C 202 17.60 19.73 -7.42
CA GLU C 202 17.25 21.14 -7.57
C GLU C 202 15.86 21.30 -8.17
N THR C 203 15.45 20.34 -9.00
CA THR C 203 14.18 20.44 -9.72
C THR C 203 13.31 19.19 -9.62
N PHE C 204 13.83 18.15 -8.96
CA PHE C 204 13.23 16.81 -8.98
C PHE C 204 12.80 16.44 -10.42
N THR C 205 13.79 16.50 -11.28
CA THR C 205 13.65 16.13 -12.68
C THR C 205 14.59 14.99 -13.04
N TRP C 206 14.04 13.97 -13.68
CA TRP C 206 14.80 12.85 -14.23
C TRP C 206 15.45 13.22 -15.57
N SER C 207 16.66 12.69 -15.78
CA SER C 207 17.32 12.80 -17.08
C SER C 207 18.34 11.67 -17.21
N GLN C 208 19.00 11.57 -18.35
CA GLN C 208 20.10 10.64 -18.49
C GLN C 208 21.31 11.33 -19.09
N PRO C 209 22.49 11.08 -18.52
CA PRO C 209 23.71 11.63 -19.13
C PRO C 209 24.10 10.87 -20.39
N ILE C 210 24.71 11.56 -21.34
CA ILE C 210 25.34 10.89 -22.47
C ILE C 210 26.73 10.51 -22.04
N THR C 211 27.01 9.23 -21.92
CA THR C 211 28.30 8.83 -21.41
C THR C 211 29.27 8.48 -22.53
N THR C 212 30.56 8.58 -22.21
CA THR C 212 31.61 8.06 -23.08
C THR C 212 32.21 6.84 -22.38
N GLY C 213 33.04 6.08 -23.10
CA GLY C 213 33.64 4.87 -22.55
C GLY C 213 32.65 3.73 -22.63
N LYS C 214 33.05 2.57 -22.14
CA LYS C 214 32.18 1.39 -22.23
C LYS C 214 31.52 1.11 -20.88
N ALA C 215 30.19 1.19 -20.86
CA ALA C 215 29.43 0.93 -19.65
C ALA C 215 29.69 -0.51 -19.17
N PRO C 216 29.57 -0.76 -17.86
CA PRO C 216 29.57 -2.17 -17.45
C PRO C 216 28.37 -2.87 -18.09
N SER C 217 28.40 -4.20 -18.15
CA SER C 217 27.23 -4.94 -18.61
C SER C 217 26.02 -4.62 -17.75
N PRO C 218 24.81 -4.87 -18.27
CA PRO C 218 23.64 -4.81 -17.39
C PRO C 218 23.85 -5.72 -16.16
N ARG C 219 23.24 -5.37 -15.03
CA ARG C 219 23.43 -6.15 -13.82
C ARG C 219 22.50 -5.67 -12.73
N ALA C 220 22.31 -6.53 -11.75
CA ALA C 220 21.57 -6.19 -10.55
C ALA C 220 22.31 -6.80 -9.35
N ALA C 221 22.05 -6.25 -8.16
CA ALA C 221 22.62 -6.73 -6.91
C ALA C 221 24.13 -6.52 -6.90
N HIS C 222 24.55 -5.56 -7.70
CA HIS C 222 25.90 -5.02 -7.69
C HIS C 222 26.03 -4.05 -6.52
N ALA C 223 27.22 -3.53 -6.29
CA ALA C 223 27.38 -2.54 -5.22
C ALA C 223 28.02 -1.28 -5.75
N CYS C 224 27.43 -0.14 -5.40
CA CYS C 224 27.97 1.15 -5.80
C CYS C 224 28.54 1.87 -4.60
N ALA C 225 29.57 2.67 -4.84
CA ALA C 225 30.17 3.52 -3.81
C ALA C 225 30.72 4.79 -4.44
N THR C 226 30.59 5.91 -3.74
CA THR C 226 31.01 7.19 -4.28
C THR C 226 32.20 7.75 -3.53
N VAL C 227 33.25 8.12 -4.27
CA VAL C 227 34.38 8.84 -3.69
C VAL C 227 34.70 10.06 -4.54
N GLY C 228 34.48 11.25 -4.01
CA GLY C 228 34.63 12.47 -4.78
C GLY C 228 33.74 12.42 -6.00
N ASN C 229 34.33 12.57 -7.17
CA ASN C 229 33.53 12.58 -8.39
C ASN C 229 33.59 11.24 -9.12
N ARG C 230 33.92 10.17 -8.40
CA ARG C 230 33.97 8.86 -9.02
C ARG C 230 32.90 7.92 -8.45
N GLY C 231 32.04 7.41 -9.33
CA GLY C 231 31.01 6.49 -8.90
C GLY C 231 31.44 5.07 -9.19
N PHE C 232 31.88 4.35 -8.16
CA PHE C 232 32.36 2.99 -8.36
C PHE C 232 31.22 1.97 -8.38
N VAL C 233 31.41 0.91 -9.15
CA VAL C 233 30.51 -0.25 -9.10
C VAL C 233 31.32 -1.52 -9.23
N PHE C 234 31.03 -2.46 -8.35
CA PHE C 234 31.73 -3.72 -8.29
C PHE C 234 30.74 -4.86 -8.33
N GLY C 235 31.04 -5.84 -9.17
CA GLY C 235 30.31 -7.10 -9.23
C GLY C 235 28.86 -7.01 -9.66
N GLY C 236 28.06 -7.94 -9.15
CA GLY C 236 26.66 -8.05 -9.50
C GLY C 236 26.34 -9.30 -10.30
N ARG C 237 25.05 -9.54 -10.47
CA ARG C 237 24.62 -10.70 -11.23
C ARG C 237 24.21 -10.25 -12.63
N TYR C 238 24.61 -11.05 -13.62
CA TYR C 238 24.22 -10.84 -15.00
C TYR C 238 24.18 -12.20 -15.67
N ARG C 239 23.02 -12.56 -16.21
CA ARG C 239 22.80 -13.88 -16.80
C ARG C 239 23.28 -14.99 -15.86
N ASP C 240 24.25 -15.78 -16.28
CA ASP C 240 24.62 -16.94 -15.46
C ASP C 240 25.80 -16.69 -14.55
N ALA C 241 26.19 -15.43 -14.38
CA ALA C 241 27.35 -15.13 -13.57
C ALA C 241 27.10 -14.08 -12.49
N ARG C 242 27.82 -14.24 -11.38
CA ARG C 242 27.98 -13.19 -10.39
C ARG C 242 29.45 -12.79 -10.51
N MET C 243 29.68 -11.53 -10.87
CA MET C 243 30.95 -11.09 -11.43
C MET C 243 31.85 -10.35 -10.46
N ASN C 244 33.10 -10.16 -10.85
CA ASN C 244 34.00 -9.39 -9.99
C ASN C 244 34.72 -8.30 -10.74
N ASP C 245 34.09 -7.81 -11.81
CA ASP C 245 34.67 -6.67 -12.51
C ASP C 245 34.42 -5.40 -11.71
N LEU C 246 35.27 -4.41 -11.95
CA LEU C 246 35.25 -3.16 -11.20
C LEU C 246 35.31 -2.00 -12.19
N HIS C 247 34.38 -1.05 -12.06
CA HIS C 247 34.30 0.11 -12.93
C HIS C 247 34.04 1.38 -12.14
N TYR C 248 34.35 2.53 -12.70
CA TYR C 248 33.77 3.74 -12.16
C TYR C 248 33.28 4.64 -13.26
N LEU C 249 32.26 5.42 -12.93
CA LEU C 249 31.76 6.44 -13.81
C LEU C 249 32.23 7.80 -13.29
N ASN C 250 32.93 8.56 -14.12
CA ASN C 250 33.33 9.89 -13.69
C ASN C 250 32.09 10.77 -13.67
N LEU C 251 31.72 11.24 -12.48
CA LEU C 251 30.47 11.95 -12.33
C LEU C 251 30.56 13.42 -12.78
N ASP C 252 31.74 13.87 -13.20
CA ASP C 252 31.90 15.20 -13.79
C ASP C 252 31.80 15.12 -15.29
N THR C 253 32.59 14.23 -15.89
CA THR C 253 32.73 14.16 -17.33
C THR C 253 31.86 13.10 -17.98
N TRP C 254 31.28 12.22 -17.16
CA TRP C 254 30.46 11.09 -17.65
C TRP C 254 31.22 10.10 -18.55
N GLU C 255 32.46 9.80 -18.17
CA GLU C 255 33.25 8.78 -18.84
C GLU C 255 33.36 7.51 -17.98
N TRP C 256 32.95 6.39 -18.54
CA TRP C 256 33.12 5.09 -17.90
C TRP C 256 34.57 4.65 -18.00
N ASN C 257 35.09 4.08 -16.92
CA ASN C 257 36.40 3.44 -16.92
C ASN C 257 36.34 2.09 -16.25
N GLU C 258 36.92 1.07 -16.88
CA GLU C 258 37.10 -0.20 -16.20
C GLU C 258 38.42 -0.18 -15.45
N LEU C 259 38.41 -0.79 -14.27
CA LEU C 259 39.61 -0.91 -13.44
C LEU C 259 40.09 -2.36 -13.47
N ILE C 260 41.37 -2.53 -13.74
CA ILE C 260 41.99 -3.85 -13.68
C ILE C 260 43.01 -3.85 -12.53
N PRO C 261 42.58 -4.22 -11.31
CA PRO C 261 43.60 -4.35 -10.27
C PRO C 261 44.54 -5.51 -10.58
N GLN C 262 45.82 -5.32 -10.28
CA GLN C 262 46.81 -6.33 -10.61
C GLN C 262 46.97 -7.23 -9.40
N GLY C 263 47.05 -8.53 -9.64
CA GLY C 263 47.16 -9.48 -8.57
C GLY C 263 45.79 -10.04 -8.25
N ILE C 264 45.65 -10.57 -7.04
CA ILE C 264 44.47 -11.33 -6.66
C ILE C 264 43.28 -10.43 -6.36
N CYS C 265 42.14 -10.76 -6.95
CA CYS C 265 40.90 -10.00 -6.78
C CYS C 265 39.91 -10.82 -5.97
N PRO C 266 38.90 -10.17 -5.35
CA PRO C 266 37.88 -10.94 -4.63
C PRO C 266 37.10 -11.81 -5.61
N VAL C 267 36.56 -12.94 -5.16
CA VAL C 267 35.72 -13.75 -6.02
C VAL C 267 34.47 -12.98 -6.46
N GLY C 268 33.99 -13.26 -7.67
CA GLY C 268 32.80 -12.63 -8.21
C GLY C 268 31.59 -12.89 -7.35
N ARG C 269 30.69 -11.92 -7.26
CA ARG C 269 29.62 -12.01 -6.30
C ARG C 269 28.52 -10.99 -6.58
N SER C 270 27.37 -11.22 -5.96
CA SER C 270 26.28 -10.24 -5.90
C SER C 270 25.83 -10.16 -4.45
N TRP C 271 24.91 -9.23 -4.15
CA TRP C 271 24.36 -9.10 -2.80
C TRP C 271 25.44 -8.78 -1.74
N HIS C 272 26.56 -8.26 -2.21
CA HIS C 272 27.66 -7.81 -1.36
C HIS C 272 27.50 -6.32 -1.06
N SER C 273 28.28 -5.83 -0.10
CA SER C 273 28.30 -4.39 0.18
C SER C 273 29.67 -3.80 -0.13
N LEU C 274 29.66 -2.53 -0.53
CA LEU C 274 30.85 -1.76 -0.87
C LEU C 274 30.74 -0.38 -0.27
N THR C 275 31.64 -0.06 0.65
CA THR C 275 31.51 1.13 1.48
C THR C 275 32.79 1.96 1.50
N PRO C 276 32.69 3.24 1.11
CA PRO C 276 33.84 4.15 1.22
C PRO C 276 34.26 4.31 2.67
N VAL C 277 35.53 4.14 3.00
CA VAL C 277 35.92 4.35 4.40
C VAL C 277 37.02 5.40 4.56
N SER C 278 37.36 6.07 3.46
CA SER C 278 38.35 7.14 3.39
C SER C 278 38.29 7.61 1.97
N SER C 279 39.00 8.69 1.65
CA SER C 279 38.97 9.16 0.29
C SER C 279 39.86 8.31 -0.60
N ASP C 280 40.40 7.22 -0.05
CA ASP C 280 41.23 6.33 -0.84
C ASP C 280 40.91 4.83 -0.63
N HIS C 281 39.86 4.49 0.12
CA HIS C 281 39.57 3.07 0.37
C HIS C 281 38.10 2.70 0.33
N LEU C 282 37.79 1.62 -0.40
CA LEU C 282 36.46 1.04 -0.41
C LEU C 282 36.47 -0.28 0.37
N PHE C 283 35.49 -0.47 1.24
CA PHE C 283 35.41 -1.69 2.04
C PHE C 283 34.36 -2.61 1.47
N LEU C 284 34.79 -3.82 1.14
CA LEU C 284 33.91 -4.85 0.60
C LEU C 284 33.63 -5.93 1.63
N PHE C 285 32.38 -6.35 1.75
CA PHE C 285 32.04 -7.50 2.61
C PHE C 285 30.90 -8.36 2.07
N GLY C 286 31.04 -9.67 2.24
CA GLY C 286 29.94 -10.59 2.06
C GLY C 286 29.50 -10.78 0.63
N GLY C 287 28.25 -11.17 0.44
CA GLY C 287 27.76 -11.50 -0.89
C GLY C 287 27.59 -12.98 -1.16
N PHE C 288 27.49 -13.32 -2.44
CA PHE C 288 26.94 -14.60 -2.91
C PHE C 288 27.63 -14.95 -4.22
N THR C 289 28.31 -16.09 -4.29
CA THR C 289 29.04 -16.41 -5.52
C THR C 289 28.13 -17.00 -6.59
N THR C 290 28.68 -17.11 -7.79
CA THR C 290 28.04 -17.79 -8.91
C THR C 290 27.53 -19.18 -8.51
N ASP C 291 28.36 -19.90 -7.76
CA ASP C 291 28.01 -21.25 -7.30
C ASP C 291 27.31 -21.25 -5.93
N LYS C 292 26.61 -20.16 -5.63
CA LYS C 292 25.67 -20.11 -4.52
C LYS C 292 26.35 -20.28 -3.17
N GLN C 293 27.58 -19.78 -3.07
CA GLN C 293 28.33 -19.78 -1.82
C GLN C 293 28.16 -18.46 -1.09
N PRO C 294 27.58 -18.48 0.12
CA PRO C 294 27.51 -17.28 0.98
C PRO C 294 28.92 -16.87 1.44
N LEU C 295 29.21 -15.56 1.48
CA LEU C 295 30.59 -15.10 1.72
C LEU C 295 30.76 -14.34 3.02
N SER C 296 31.90 -14.55 3.69
CA SER C 296 32.24 -13.82 4.91
C SER C 296 33.60 -13.16 4.78
N ASP C 297 34.14 -13.11 3.56
CA ASP C 297 35.42 -12.45 3.37
C ASP C 297 35.24 -10.93 3.26
N ALA C 298 36.23 -10.20 3.73
CA ALA C 298 36.27 -8.75 3.70
C ALA C 298 37.57 -8.30 3.04
N TRP C 299 37.46 -7.24 2.25
CA TRP C 299 38.56 -6.66 1.49
C TRP C 299 38.48 -5.14 1.54
N THR C 300 39.62 -4.48 1.36
CA THR C 300 39.58 -3.07 1.02
C THR C 300 40.19 -2.92 -0.37
N TYR C 301 39.56 -2.08 -1.18
CA TYR C 301 40.14 -1.64 -2.43
C TYR C 301 40.83 -0.33 -2.17
N CYS C 302 42.15 -0.30 -2.38
CA CYS C 302 42.91 0.94 -2.33
C CYS C 302 42.90 1.62 -3.68
N ILE C 303 42.24 2.76 -3.76
CA ILE C 303 42.04 3.44 -5.04
C ILE C 303 43.36 3.93 -5.66
N SER C 304 44.21 4.56 -4.86
CA SER C 304 45.48 5.06 -5.37
C SER C 304 46.40 3.93 -5.85
N LYS C 305 46.31 2.78 -5.20
CA LYS C 305 47.23 1.71 -5.56
C LYS C 305 46.60 0.77 -6.59
N ASN C 306 45.29 0.89 -6.80
CA ASN C 306 44.54 0.00 -7.69
C ASN C 306 44.78 -1.44 -7.25
N GLU C 307 44.53 -1.68 -5.98
CA GLU C 307 44.88 -2.97 -5.39
C GLU C 307 43.87 -3.42 -4.35
N TRP C 308 43.55 -4.69 -4.38
CA TRP C 308 42.72 -5.30 -3.35
C TRP C 308 43.56 -5.86 -2.21
N ILE C 309 43.10 -5.62 -0.98
CA ILE C 309 43.76 -6.11 0.21
C ILE C 309 42.77 -6.85 1.09
N GLN C 310 42.98 -8.14 1.31
CA GLN C 310 42.05 -8.89 2.13
C GLN C 310 42.13 -8.45 3.59
N PHE C 311 40.97 -8.32 4.24
CA PHE C 311 40.84 -7.70 5.55
C PHE C 311 40.51 -8.78 6.57
N ASN C 312 41.34 -8.88 7.60
CA ASN C 312 41.14 -9.89 8.63
C ASN C 312 40.16 -9.38 9.69
N HIS C 313 39.19 -10.20 10.03
CA HIS C 313 38.10 -9.79 10.92
C HIS C 313 37.61 -11.02 11.66
N PRO C 314 36.83 -10.81 12.74
CA PRO C 314 36.39 -11.95 13.53
C PRO C 314 35.08 -12.60 13.08
N TYR C 315 34.50 -12.18 11.97
CA TYR C 315 33.18 -12.72 11.59
C TYR C 315 33.23 -13.73 10.46
N THR C 316 34.35 -14.43 10.35
CA THR C 316 34.55 -15.43 9.31
C THR C 316 33.47 -16.54 9.31
N GLU C 317 32.82 -16.75 10.44
CA GLU C 317 31.74 -17.72 10.50
C GLU C 317 30.37 -17.04 10.40
N LYS C 318 30.36 -15.76 10.04
CA LYS C 318 29.10 -15.06 9.87
C LYS C 318 29.00 -14.47 8.48
N PRO C 319 28.89 -15.35 7.47
CA PRO C 319 28.71 -14.82 6.12
C PRO C 319 27.38 -14.09 6.01
N ARG C 320 27.32 -13.13 5.12
CA ARG C 320 26.14 -12.35 4.87
C ARG C 320 25.97 -11.97 3.41
N LEU C 321 24.74 -11.93 2.99
CA LEU C 321 24.37 -11.45 1.70
C LEU C 321 23.02 -10.72 1.82
N TRP C 322 22.84 -9.70 0.99
CA TRP C 322 21.74 -8.77 1.05
C TRP C 322 21.58 -8.03 2.43
N HIS C 323 22.64 -7.98 3.17
CA HIS C 323 22.80 -7.10 4.29
C HIS C 323 23.06 -5.65 3.79
N THR C 324 23.17 -4.75 4.73
CA THR C 324 23.57 -3.39 4.53
C THR C 324 24.88 -3.06 5.27
N ALA C 325 25.62 -2.10 4.74
CA ALA C 325 26.80 -1.57 5.41
C ALA C 325 26.77 -0.07 5.41
N CYS C 326 27.12 0.54 6.55
CA CYS C 326 27.24 1.98 6.69
C CYS C 326 28.54 2.36 7.40
N ALA C 327 29.23 3.38 6.89
CA ALA C 327 30.44 3.88 7.54
C ALA C 327 30.09 4.80 8.70
N SER C 328 30.71 4.59 9.86
CA SER C 328 30.54 5.51 10.97
C SER C 328 31.59 6.61 10.88
N ASP C 329 31.38 7.69 11.63
CA ASP C 329 32.42 8.72 11.76
C ASP C 329 33.61 8.13 12.51
N GLU C 330 33.35 7.16 13.38
CA GLU C 330 34.36 6.64 14.30
C GLU C 330 35.28 5.61 13.66
N GLY C 331 35.33 5.57 12.33
CA GLY C 331 36.20 4.65 11.60
C GLY C 331 35.75 3.19 11.55
N GLU C 332 34.43 2.97 11.56
CA GLU C 332 33.88 1.63 11.54
C GLU C 332 32.99 1.44 10.33
N VAL C 333 32.72 0.18 9.99
CA VAL C 333 31.66 -0.15 9.04
C VAL C 333 30.61 -0.97 9.79
N ILE C 334 29.37 -0.50 9.76
CA ILE C 334 28.29 -1.14 10.47
C ILE C 334 27.44 -1.96 9.51
N VAL C 335 27.57 -3.27 9.63
CA VAL C 335 26.80 -4.19 8.81
C VAL C 335 25.55 -4.65 9.56
N PHE C 336 24.41 -4.61 8.89
CA PHE C 336 23.17 -5.08 9.51
C PHE C 336 22.36 -5.98 8.60
N GLY C 337 21.73 -7.00 9.18
CA GLY C 337 20.78 -7.83 8.46
C GLY C 337 21.41 -8.75 7.44
N GLY C 338 20.64 -9.07 6.41
CA GLY C 338 21.09 -9.98 5.38
C GLY C 338 20.87 -11.43 5.80
N CYS C 339 21.27 -12.35 4.94
CA CYS C 339 21.01 -13.77 5.12
C CYS C 339 22.32 -14.52 5.25
N ALA C 340 22.37 -15.50 6.13
CA ALA C 340 23.60 -16.22 6.40
C ALA C 340 23.80 -17.40 5.45
N ASN C 341 22.73 -17.87 4.82
CA ASN C 341 22.87 -18.99 3.87
C ASN C 341 22.23 -18.69 2.52
N ASN C 342 21.98 -19.72 1.72
CA ASN C 342 21.36 -19.52 0.43
C ASN C 342 19.90 -19.08 0.62
N LEU C 343 19.65 -17.78 0.43
CA LEU C 343 18.30 -17.25 0.64
C LEU C 343 17.30 -17.69 -0.43
N LEU C 344 17.78 -18.27 -1.54
CA LEU C 344 16.92 -18.76 -2.62
C LEU C 344 16.13 -19.99 -2.19
N VAL C 345 16.63 -20.72 -1.20
CA VAL C 345 15.86 -21.79 -0.57
C VAL C 345 15.06 -21.14 0.55
N HIS C 346 13.93 -20.56 0.18
CA HIS C 346 13.19 -19.67 1.07
C HIS C 346 12.85 -20.27 2.44
N HIS C 347 12.44 -21.55 2.46
CA HIS C 347 11.98 -22.18 3.69
C HIS C 347 13.14 -22.54 4.64
N ARG C 348 14.38 -22.41 4.17
CA ARG C 348 15.56 -22.70 4.98
C ARG C 348 16.39 -21.44 5.25
N ALA C 349 15.96 -20.29 4.73
CA ALA C 349 16.76 -19.07 4.76
C ALA C 349 16.97 -18.53 6.17
N ALA C 350 18.23 -18.23 6.50
CA ALA C 350 18.57 -17.73 7.84
C ALA C 350 18.81 -16.23 7.81
N HIS C 351 17.73 -15.46 7.81
CA HIS C 351 17.81 -14.02 7.87
C HIS C 351 18.23 -13.54 9.27
N SER C 352 18.93 -12.42 9.32
CA SER C 352 19.57 -12.00 10.57
C SER C 352 19.19 -10.57 10.97
N ASN C 353 19.20 -10.30 12.28
CA ASN C 353 19.13 -8.93 12.77
C ASN C 353 20.41 -8.53 13.51
N GLU C 354 21.46 -9.30 13.29
CA GLU C 354 22.74 -9.00 13.94
C GLU C 354 23.41 -7.76 13.36
N ILE C 355 24.03 -6.98 14.24
CA ILE C 355 24.94 -5.92 13.84
C ILE C 355 26.36 -6.46 13.89
N LEU C 356 27.06 -6.40 12.76
CA LEU C 356 28.48 -6.72 12.74
C LEU C 356 29.28 -5.43 12.63
N ILE C 357 30.30 -5.27 13.45
CA ILE C 357 31.08 -4.03 13.38
C ILE C 357 32.53 -4.27 12.96
N PHE C 358 32.91 -3.65 11.84
CA PHE C 358 34.25 -3.79 11.29
C PHE C 358 35.09 -2.56 11.60
N SER C 359 36.23 -2.77 12.24
CA SER C 359 37.08 -1.66 12.67
C SER C 359 38.03 -1.18 11.57
N VAL C 360 37.69 -0.05 10.96
CA VAL C 360 38.43 0.53 9.82
C VAL C 360 38.45 -0.45 8.65
N PRO D 1 11.28 -17.00 -4.58
CA PRO D 1 10.26 -15.94 -4.60
C PRO D 1 10.67 -14.73 -5.44
N PRO D 2 9.68 -14.00 -5.95
CA PRO D 2 9.91 -12.86 -6.85
C PRO D 2 10.93 -11.80 -6.39
N PRO D 3 11.01 -11.44 -5.07
CA PRO D 3 11.96 -10.38 -4.70
C PRO D 3 13.42 -10.70 -5.02
N MET D 4 13.81 -11.96 -4.92
CA MET D 4 15.22 -12.26 -5.01
C MET D 4 15.64 -12.72 -6.40
N ALA D 5 14.71 -12.73 -7.36
CA ALA D 5 15.03 -13.09 -8.73
C ALA D 5 15.95 -12.01 -9.33
N GLY D 6 16.87 -12.44 -10.20
CA GLY D 6 17.78 -11.51 -10.84
C GLY D 6 19.00 -11.12 -10.03
N GLY D 7 19.09 -11.58 -8.79
CA GLY D 7 20.30 -11.43 -8.01
C GLY D 7 21.18 -12.68 -8.03
#